data_6MK5
#
_entry.id   6MK5
#
_entity_poly.entity_id   1
_entity_poly.type   'polypeptide(L)'
_entity_poly.pdbx_seq_one_letter_code
;DCLGAFRKCIPDNDKCCRPNLVCSRLHRWCKYVF
;
_entity_poly.pdbx_strand_id   A
#
# COMPACT_ATOMS: atom_id res chain seq x y z
N ASP A 1 5.72 10.62 6.73
CA ASP A 1 4.68 9.88 7.44
C ASP A 1 4.22 8.77 6.57
N CYS A 2 4.04 7.60 7.13
CA CYS A 2 3.69 6.45 6.35
C CYS A 2 2.22 6.37 5.98
N LEU A 3 1.97 6.46 4.68
CA LEU A 3 0.66 6.26 4.13
C LEU A 3 0.42 4.78 4.01
N GLY A 4 -0.78 4.36 4.25
CA GLY A 4 -1.08 2.98 4.12
C GLY A 4 -1.94 2.48 5.24
N ALA A 5 -1.45 1.48 5.92
CA ALA A 5 -2.17 0.80 6.99
C ALA A 5 -3.56 0.36 6.56
N PHE A 6 -3.59 -0.52 5.55
CA PHE A 6 -4.81 -1.13 5.02
C PHE A 6 -5.73 -0.14 4.29
N ARG A 7 -5.17 0.99 3.87
CA ARG A 7 -5.89 1.94 3.04
C ARG A 7 -5.90 1.42 1.63
N LYS A 8 -7.04 1.47 0.97
CA LYS A 8 -7.16 0.96 -0.39
C LYS A 8 -6.31 1.73 -1.37
N CYS A 9 -5.68 1.00 -2.23
CA CYS A 9 -4.65 1.53 -3.09
C CYS A 9 -5.00 1.45 -4.58
N ILE A 10 -4.48 2.40 -5.33
CA ILE A 10 -4.60 2.44 -6.76
C ILE A 10 -3.27 1.92 -7.34
N PRO A 11 -3.26 0.73 -7.95
CA PRO A 11 -2.04 0.11 -8.49
C PRO A 11 -1.28 0.97 -9.53
N ASP A 12 -2.03 1.76 -10.30
CA ASP A 12 -1.41 2.58 -11.35
C ASP A 12 -0.72 3.82 -10.82
N ASN A 13 -0.96 4.12 -9.56
CA ASN A 13 -0.32 5.24 -8.88
C ASN A 13 -0.29 4.94 -7.40
N ASP A 14 0.56 4.01 -7.07
CA ASP A 14 0.66 3.51 -5.72
C ASP A 14 1.37 4.49 -4.80
N LYS A 15 0.63 4.97 -3.83
CA LYS A 15 1.13 5.87 -2.83
C LYS A 15 0.91 5.27 -1.44
N CYS A 16 1.87 4.51 -1.00
CA CYS A 16 1.88 3.97 0.33
C CYS A 16 3.29 4.28 0.84
N CYS A 17 3.62 3.94 2.05
CA CYS A 17 4.95 4.23 2.56
C CYS A 17 5.95 3.19 2.06
N ARG A 18 6.44 3.38 0.85
CA ARG A 18 7.40 2.45 0.29
C ARG A 18 8.76 2.68 0.94
N PRO A 19 9.61 1.64 1.04
CA PRO A 19 9.32 0.29 0.54
C PRO A 19 8.68 -0.61 1.59
N ASN A 20 8.19 -0.02 2.65
CA ASN A 20 7.62 -0.77 3.77
C ASN A 20 6.20 -1.20 3.49
N LEU A 21 5.45 -0.35 2.85
CA LEU A 21 4.09 -0.65 2.48
C LEU A 21 3.92 -0.45 1.00
N VAL A 22 3.28 -1.38 0.35
CA VAL A 22 3.04 -1.34 -1.07
C VAL A 22 1.60 -1.77 -1.32
N CYS A 23 0.99 -1.25 -2.39
CA CYS A 23 -0.33 -1.66 -2.78
C CYS A 23 -0.37 -3.14 -3.06
N SER A 24 -1.03 -3.87 -2.23
CA SER A 24 -1.24 -5.23 -2.47
C SER A 24 -2.51 -5.35 -3.28
N ARG A 25 -2.32 -5.58 -4.56
CA ARG A 25 -3.39 -5.58 -5.53
C ARG A 25 -4.46 -6.61 -5.23
N LEU A 26 -4.04 -7.78 -4.78
CA LEU A 26 -4.98 -8.86 -4.48
C LEU A 26 -5.76 -8.56 -3.21
N HIS A 27 -5.12 -7.88 -2.29
CA HIS A 27 -5.75 -7.53 -1.04
C HIS A 27 -6.56 -6.25 -1.18
N ARG A 28 -6.13 -5.41 -2.12
CA ARG A 28 -6.75 -4.13 -2.49
C ARG A 28 -6.34 -2.97 -1.61
N TRP A 29 -5.35 -3.19 -0.79
CA TRP A 29 -4.91 -2.16 0.12
C TRP A 29 -3.39 -2.09 0.28
N CYS A 30 -2.93 -0.99 0.87
CA CYS A 30 -1.53 -0.80 1.21
C CYS A 30 -1.21 -1.69 2.37
N LYS A 31 -0.45 -2.72 2.13
CA LYS A 31 -0.12 -3.59 3.21
C LYS A 31 1.38 -3.50 3.42
N TYR A 32 1.82 -3.99 4.53
CA TYR A 32 3.21 -3.97 4.86
C TYR A 32 3.88 -5.13 4.16
N VAL A 33 5.11 -4.93 3.74
CA VAL A 33 5.88 -6.00 3.14
C VAL A 33 6.30 -6.96 4.26
N PHE A 34 6.27 -6.45 5.47
CA PHE A 34 6.54 -7.24 6.63
C PHE A 34 5.19 -7.70 7.19
N ASP A 1 2.90 10.37 9.97
CA ASP A 1 2.75 8.99 9.56
C ASP A 1 2.63 8.93 8.07
N CYS A 2 3.30 7.99 7.45
CA CYS A 2 3.19 7.83 6.04
C CYS A 2 2.03 6.86 5.71
N LEU A 3 1.55 6.90 4.48
CA LEU A 3 0.36 6.14 4.10
C LEU A 3 0.56 4.65 4.21
N GLY A 4 -0.40 4.02 4.83
CA GLY A 4 -0.35 2.63 5.08
C GLY A 4 -1.63 2.17 5.71
N ALA A 5 -1.53 1.53 6.87
CA ALA A 5 -2.66 1.06 7.69
C ALA A 5 -3.73 0.32 6.87
N PHE A 6 -3.29 -0.40 5.84
CA PHE A 6 -4.16 -1.19 4.97
C PHE A 6 -5.20 -0.32 4.27
N ARG A 7 -4.84 0.91 3.95
CA ARG A 7 -5.78 1.76 3.25
C ARG A 7 -5.80 1.41 1.78
N LYS A 8 -6.94 1.55 1.16
CA LYS A 8 -7.14 1.15 -0.21
C LYS A 8 -6.38 1.99 -1.21
N CYS A 9 -5.74 1.32 -2.13
CA CYS A 9 -4.90 1.96 -3.11
C CYS A 9 -5.17 1.42 -4.50
N ILE A 10 -4.79 2.17 -5.51
CA ILE A 10 -4.82 1.72 -6.89
C ILE A 10 -3.41 1.23 -7.16
N PRO A 11 -3.22 -0.09 -7.37
CA PRO A 11 -1.88 -0.72 -7.46
C PRO A 11 -0.86 0.00 -8.37
N ASP A 12 -1.33 0.47 -9.50
CA ASP A 12 -0.42 1.10 -10.47
C ASP A 12 -0.20 2.59 -10.22
N ASN A 13 -0.86 3.13 -9.21
CA ASN A 13 -0.78 4.56 -8.91
C ASN A 13 -0.79 4.76 -7.41
N ASP A 14 -0.39 3.74 -6.70
CA ASP A 14 -0.56 3.68 -5.26
C ASP A 14 0.31 4.66 -4.52
N LYS A 15 -0.20 5.14 -3.42
CA LYS A 15 0.53 5.97 -2.54
C LYS A 15 0.58 5.29 -1.20
N CYS A 16 1.59 4.53 -0.99
CA CYS A 16 1.82 3.86 0.26
C CYS A 16 3.28 4.12 0.60
N CYS A 17 3.60 4.04 1.86
CA CYS A 17 4.94 4.32 2.37
C CYS A 17 5.97 3.27 1.91
N ARG A 18 6.47 3.44 0.69
CA ARG A 18 7.44 2.50 0.14
C ARG A 18 8.82 2.74 0.74
N PRO A 19 9.70 1.72 0.77
CA PRO A 19 9.43 0.37 0.25
C PRO A 19 8.93 -0.58 1.35
N ASN A 20 8.46 -0.02 2.43
CA ASN A 20 7.96 -0.80 3.56
C ASN A 20 6.54 -1.22 3.31
N LEU A 21 5.78 -0.34 2.71
CA LEU A 21 4.39 -0.56 2.44
C LEU A 21 4.15 -0.42 0.96
N VAL A 22 3.60 -1.44 0.37
CA VAL A 22 3.30 -1.45 -1.05
C VAL A 22 1.85 -1.85 -1.24
N CYS A 23 1.29 -1.55 -2.35
CA CYS A 23 -0.10 -1.82 -2.60
C CYS A 23 -0.31 -3.31 -2.91
N SER A 24 -1.28 -3.92 -2.27
CA SER A 24 -1.67 -5.27 -2.56
C SER A 24 -2.45 -5.23 -3.86
N ARG A 25 -2.02 -5.95 -4.86
CA ARG A 25 -2.69 -5.84 -6.15
C ARG A 25 -4.08 -6.48 -6.14
N LEU A 26 -4.25 -7.55 -5.40
CA LEU A 26 -5.54 -8.23 -5.36
C LEU A 26 -6.50 -7.52 -4.42
N HIS A 27 -6.05 -7.23 -3.24
CA HIS A 27 -6.92 -6.66 -2.20
C HIS A 27 -7.02 -5.15 -2.28
N ARG A 28 -6.06 -4.56 -2.97
CA ARG A 28 -5.93 -3.12 -3.16
C ARG A 28 -5.88 -2.33 -1.89
N TRP A 29 -4.86 -2.58 -1.10
CA TRP A 29 -4.60 -1.83 0.10
C TRP A 29 -3.11 -1.82 0.37
N CYS A 30 -2.67 -0.88 1.15
CA CYS A 30 -1.26 -0.79 1.50
C CYS A 30 -0.88 -1.92 2.45
N LYS A 31 -0.16 -2.89 1.92
CA LYS A 31 0.23 -4.06 2.67
C LYS A 31 1.66 -3.89 3.17
N TYR A 32 1.96 -4.59 4.22
CA TYR A 32 3.25 -4.52 4.85
C TYR A 32 4.21 -5.51 4.21
N VAL A 33 5.39 -5.03 3.88
CA VAL A 33 6.44 -5.87 3.30
C VAL A 33 7.34 -6.40 4.41
N PHE A 34 7.45 -5.63 5.46
CA PHE A 34 8.27 -5.98 6.59
C PHE A 34 7.36 -6.32 7.74
N ASP A 1 3.20 11.96 5.36
CA ASP A 1 2.47 10.96 6.15
C ASP A 1 2.52 9.63 5.45
N CYS A 2 2.98 8.62 6.16
CA CYS A 2 3.09 7.30 5.63
C CYS A 2 1.74 6.61 5.53
N LEU A 3 1.25 6.54 4.31
CA LEU A 3 0.01 5.88 4.03
C LEU A 3 0.23 4.39 4.14
N GLY A 4 -0.63 3.77 4.87
CA GLY A 4 -0.56 2.37 5.12
C GLY A 4 -1.77 1.94 5.85
N ALA A 5 -1.58 1.20 6.92
CA ALA A 5 -2.66 0.78 7.83
C ALA A 5 -3.82 0.08 7.13
N PHE A 6 -3.52 -0.59 6.01
CA PHE A 6 -4.50 -1.34 5.19
C PHE A 6 -5.45 -0.39 4.44
N ARG A 7 -5.03 0.85 4.18
CA ARG A 7 -5.87 1.80 3.44
C ARG A 7 -5.84 1.45 1.97
N LYS A 8 -7.01 1.43 1.35
CA LYS A 8 -7.12 1.05 -0.04
C LYS A 8 -6.57 2.11 -0.95
N CYS A 9 -5.87 1.70 -1.95
CA CYS A 9 -5.21 2.58 -2.86
C CYS A 9 -5.31 2.06 -4.27
N ILE A 10 -4.81 2.80 -5.21
CA ILE A 10 -4.84 2.42 -6.59
C ILE A 10 -3.53 1.69 -6.94
N PRO A 11 -3.59 0.38 -7.30
CA PRO A 11 -2.38 -0.41 -7.65
C PRO A 11 -1.75 0.04 -8.97
N ASP A 12 -2.44 0.92 -9.65
CA ASP A 12 -1.95 1.50 -10.90
C ASP A 12 -0.89 2.56 -10.58
N ASN A 13 -0.84 2.94 -9.32
CA ASN A 13 0.13 3.90 -8.81
C ASN A 13 0.17 3.82 -7.30
N ASP A 14 0.99 2.91 -6.82
CA ASP A 14 1.15 2.66 -5.39
C ASP A 14 1.54 3.91 -4.63
N LYS A 15 0.65 4.30 -3.74
CA LYS A 15 0.89 5.44 -2.89
C LYS A 15 0.80 5.00 -1.46
N CYS A 16 1.92 4.55 -0.95
CA CYS A 16 2.02 4.05 0.38
C CYS A 16 3.39 4.38 0.89
N CYS A 17 3.67 4.10 2.14
CA CYS A 17 4.99 4.33 2.69
C CYS A 17 5.93 3.21 2.22
N ARG A 18 6.32 3.31 0.98
CA ARG A 18 7.13 2.32 0.31
C ARG A 18 8.61 2.51 0.63
N PRO A 19 9.43 1.44 0.52
CA PRO A 19 9.00 0.10 0.08
C PRO A 19 8.49 -0.77 1.23
N ASN A 20 8.29 -0.16 2.39
CA ASN A 20 7.81 -0.87 3.59
C ASN A 20 6.36 -1.29 3.43
N LEU A 21 5.59 -0.43 2.81
CA LEU A 21 4.19 -0.66 2.56
C LEU A 21 3.95 -0.41 1.09
N VAL A 22 3.14 -1.20 0.47
CA VAL A 22 2.87 -1.04 -0.95
C VAL A 22 1.43 -1.47 -1.26
N CYS A 23 0.86 -0.92 -2.31
CA CYS A 23 -0.43 -1.28 -2.77
C CYS A 23 -0.41 -2.68 -3.30
N SER A 24 -1.08 -3.56 -2.62
CA SER A 24 -1.24 -4.89 -3.08
C SER A 24 -2.18 -4.88 -4.28
N ARG A 25 -1.83 -5.61 -5.31
CA ARG A 25 -2.67 -5.68 -6.50
C ARG A 25 -3.92 -6.51 -6.19
N LEU A 26 -3.79 -7.41 -5.23
CA LEU A 26 -4.88 -8.29 -4.87
C LEU A 26 -5.70 -7.72 -3.72
N HIS A 27 -5.02 -7.24 -2.69
CA HIS A 27 -5.72 -6.69 -1.51
C HIS A 27 -6.22 -5.28 -1.78
N ARG A 28 -5.61 -4.62 -2.77
CA ARG A 28 -5.99 -3.27 -3.23
C ARG A 28 -5.72 -2.21 -2.18
N TRP A 29 -4.91 -2.55 -1.21
CA TRP A 29 -4.59 -1.63 -0.15
C TRP A 29 -3.12 -1.62 0.14
N CYS A 30 -2.72 -0.63 0.92
CA CYS A 30 -1.37 -0.53 1.38
C CYS A 30 -1.16 -1.57 2.44
N LYS A 31 -0.55 -2.66 2.06
CA LYS A 31 -0.34 -3.71 2.97
C LYS A 31 1.08 -3.68 3.46
N TYR A 32 1.32 -4.36 4.53
CA TYR A 32 2.62 -4.42 5.11
C TYR A 32 3.37 -5.51 4.39
N VAL A 33 4.50 -5.18 3.84
CA VAL A 33 5.29 -6.16 3.19
C VAL A 33 6.55 -6.43 3.98
N PHE A 34 6.49 -7.48 4.75
CA PHE A 34 7.56 -7.90 5.60
C PHE A 34 7.31 -9.35 5.90
N ASP A 1 0.60 8.03 11.28
CA ASP A 1 1.78 7.51 10.59
C ASP A 1 1.70 8.00 9.16
N CYS A 2 2.45 7.42 8.26
CA CYS A 2 2.42 7.85 6.89
C CYS A 2 1.37 7.04 6.15
N LEU A 3 1.17 7.33 4.86
CA LEU A 3 0.16 6.64 4.07
C LEU A 3 0.43 5.16 4.01
N GLY A 4 -0.59 4.41 4.29
CA GLY A 4 -0.50 2.97 4.33
C GLY A 4 -1.66 2.39 5.10
N ALA A 5 -1.36 1.81 6.26
CA ALA A 5 -2.34 1.23 7.22
C ALA A 5 -3.43 0.38 6.57
N PHE A 6 -3.08 -0.38 5.55
CA PHE A 6 -4.01 -1.27 4.84
C PHE A 6 -5.15 -0.46 4.21
N ARG A 7 -4.86 0.78 3.85
CA ARG A 7 -5.85 1.62 3.23
C ARG A 7 -5.85 1.36 1.74
N LYS A 8 -7.02 1.49 1.13
CA LYS A 8 -7.21 1.22 -0.30
C LYS A 8 -6.28 2.05 -1.15
N CYS A 9 -5.69 1.41 -2.11
CA CYS A 9 -4.73 2.03 -2.96
C CYS A 9 -5.12 1.87 -4.41
N ILE A 10 -4.58 2.71 -5.24
CA ILE A 10 -4.72 2.58 -6.66
C ILE A 10 -3.46 1.86 -7.14
N PRO A 11 -3.57 0.70 -7.75
CA PRO A 11 -2.42 -0.14 -8.11
C PRO A 11 -1.62 0.43 -9.27
N ASP A 12 -2.16 1.44 -9.89
CA ASP A 12 -1.52 2.11 -11.01
C ASP A 12 -0.69 3.26 -10.53
N ASN A 13 -0.86 3.63 -9.28
CA ASN A 13 -0.11 4.73 -8.68
C ASN A 13 -0.29 4.67 -7.18
N ASP A 14 0.54 3.92 -6.55
CA ASP A 14 0.45 3.77 -5.13
C ASP A 14 1.30 4.78 -4.41
N LYS A 15 0.69 5.45 -3.48
CA LYS A 15 1.37 6.41 -2.68
C LYS A 15 1.28 6.04 -1.22
N CYS A 16 2.22 5.28 -0.80
CA CYS A 16 2.35 4.82 0.54
C CYS A 16 3.82 4.72 0.83
N CYS A 17 4.20 4.56 2.08
CA CYS A 17 5.63 4.36 2.41
C CYS A 17 6.13 3.03 1.88
N ARG A 18 6.52 3.03 0.64
CA ARG A 18 7.02 1.83 0.01
C ARG A 18 8.53 1.77 0.15
N PRO A 19 9.12 0.56 0.13
CA PRO A 19 8.46 -0.69 -0.18
C PRO A 19 7.92 -1.44 1.04
N ASN A 20 7.84 -0.77 2.18
CA ASN A 20 7.29 -1.40 3.40
C ASN A 20 5.78 -1.51 3.28
N LEU A 21 5.19 -0.45 2.82
CA LEU A 21 3.79 -0.39 2.54
C LEU A 21 3.62 -0.34 1.07
N VAL A 22 2.96 -1.31 0.54
CA VAL A 22 2.82 -1.40 -0.87
C VAL A 22 1.40 -1.80 -1.22
N CYS A 23 0.95 -1.41 -2.38
CA CYS A 23 -0.38 -1.69 -2.84
C CYS A 23 -0.46 -3.15 -3.25
N SER A 24 -1.11 -3.96 -2.44
CA SER A 24 -1.32 -5.34 -2.78
C SER A 24 -2.28 -5.46 -3.96
N ARG A 25 -1.93 -6.31 -4.91
CA ARG A 25 -2.80 -6.55 -6.06
C ARG A 25 -3.87 -7.57 -5.71
N LEU A 26 -3.71 -8.20 -4.57
CA LEU A 26 -4.68 -9.14 -4.06
C LEU A 26 -5.62 -8.45 -3.11
N HIS A 27 -5.05 -7.77 -2.14
CA HIS A 27 -5.84 -7.15 -1.09
C HIS A 27 -6.32 -5.75 -1.49
N ARG A 28 -5.68 -5.20 -2.51
CA ARG A 28 -6.02 -3.88 -3.09
C ARG A 28 -5.83 -2.72 -2.11
N TRP A 29 -5.01 -2.95 -1.11
CA TRP A 29 -4.71 -1.95 -0.14
C TRP A 29 -3.21 -1.91 0.12
N CYS A 30 -2.75 -0.81 0.69
CA CYS A 30 -1.37 -0.67 1.06
C CYS A 30 -1.10 -1.49 2.31
N LYS A 31 -0.56 -2.63 2.11
CA LYS A 31 -0.33 -3.54 3.17
C LYS A 31 1.09 -3.39 3.69
N TYR A 32 1.30 -3.77 4.93
CA TYR A 32 2.63 -3.79 5.49
C TYR A 32 3.27 -5.10 5.11
N VAL A 33 4.28 -5.04 4.32
CA VAL A 33 5.01 -6.21 3.97
C VAL A 33 6.31 -6.21 4.76
N PHE A 34 6.25 -6.87 5.88
CA PHE A 34 7.32 -6.84 6.83
C PHE A 34 7.34 -8.18 7.54
N ASP A 1 3.10 12.27 6.67
CA ASP A 1 2.03 11.30 6.83
C ASP A 1 2.30 10.10 5.98
N CYS A 2 2.61 9.01 6.61
CA CYS A 2 2.96 7.79 5.94
C CYS A 2 1.70 6.96 5.70
N LEU A 3 1.37 6.76 4.44
CA LEU A 3 0.19 6.00 4.08
C LEU A 3 0.44 4.52 4.14
N GLY A 4 -0.43 3.87 4.84
CA GLY A 4 -0.36 2.45 5.05
C GLY A 4 -1.64 1.99 5.67
N ALA A 5 -1.53 1.36 6.83
CA ALA A 5 -2.69 0.94 7.67
C ALA A 5 -3.83 0.23 6.91
N PHE A 6 -3.49 -0.48 5.85
CA PHE A 6 -4.46 -1.23 5.01
C PHE A 6 -5.41 -0.29 4.26
N ARG A 7 -4.98 0.95 4.05
CA ARG A 7 -5.78 1.93 3.31
C ARG A 7 -5.91 1.51 1.87
N LYS A 8 -7.10 1.62 1.33
CA LYS A 8 -7.34 1.26 -0.06
C LYS A 8 -6.64 2.26 -0.97
N CYS A 9 -6.01 1.75 -1.99
CA CYS A 9 -5.19 2.54 -2.86
C CYS A 9 -5.37 2.12 -4.31
N ILE A 10 -4.74 2.85 -5.21
CA ILE A 10 -4.73 2.53 -6.62
C ILE A 10 -3.54 1.61 -6.86
N PRO A 11 -3.75 0.41 -7.41
CA PRO A 11 -2.69 -0.58 -7.54
C PRO A 11 -1.53 -0.16 -8.47
N ASP A 12 -1.85 0.53 -9.54
CA ASP A 12 -0.81 0.92 -10.49
C ASP A 12 -0.27 2.30 -10.15
N ASN A 13 -0.97 2.98 -9.28
CA ASN A 13 -0.58 4.32 -8.85
C ASN A 13 -0.58 4.31 -7.35
N ASP A 14 0.37 3.61 -6.81
CA ASP A 14 0.43 3.37 -5.37
C ASP A 14 0.94 4.56 -4.61
N LYS A 15 0.21 4.92 -3.60
CA LYS A 15 0.65 5.90 -2.66
C LYS A 15 0.66 5.28 -1.27
N CYS A 16 1.75 4.65 -0.95
CA CYS A 16 1.97 4.01 0.32
C CYS A 16 3.47 4.13 0.53
N CYS A 17 3.96 4.10 1.75
CA CYS A 17 5.41 4.22 1.98
C CYS A 17 6.16 2.94 1.57
N ARG A 18 6.45 2.82 0.32
CA ARG A 18 7.16 1.68 -0.21
C ARG A 18 8.65 1.79 0.13
N PRO A 19 9.34 0.66 0.32
CA PRO A 19 8.80 -0.68 0.16
C PRO A 19 8.34 -1.29 1.48
N ASN A 20 8.06 -0.48 2.45
CA ASN A 20 7.61 -0.96 3.76
C ASN A 20 6.13 -1.24 3.70
N LEU A 21 5.44 -0.39 2.99
CA LEU A 21 4.03 -0.48 2.79
C LEU A 21 3.80 -0.37 1.30
N VAL A 22 3.22 -1.36 0.72
CA VAL A 22 3.01 -1.35 -0.72
C VAL A 22 1.56 -1.56 -1.03
N CYS A 23 1.12 -1.03 -2.13
CA CYS A 23 -0.23 -1.18 -2.53
C CYS A 23 -0.34 -2.48 -3.28
N SER A 24 -0.88 -3.45 -2.62
CA SER A 24 -1.07 -4.74 -3.20
C SER A 24 -2.15 -4.63 -4.25
N ARG A 25 -1.91 -5.18 -5.41
CA ARG A 25 -2.92 -5.18 -6.44
C ARG A 25 -3.91 -6.28 -6.15
N LEU A 26 -3.47 -7.25 -5.37
CA LEU A 26 -4.30 -8.36 -4.97
C LEU A 26 -5.22 -7.94 -3.85
N HIS A 27 -4.64 -7.46 -2.77
CA HIS A 27 -5.43 -7.07 -1.60
C HIS A 27 -6.13 -5.74 -1.83
N ARG A 28 -5.58 -4.95 -2.75
CA ARG A 28 -6.10 -3.65 -3.13
C ARG A 28 -5.92 -2.58 -2.04
N TRP A 29 -4.97 -2.82 -1.14
CA TRP A 29 -4.69 -1.90 -0.05
C TRP A 29 -3.20 -1.79 0.22
N CYS A 30 -2.81 -0.76 0.96
CA CYS A 30 -1.44 -0.58 1.40
C CYS A 30 -1.14 -1.58 2.50
N LYS A 31 -0.49 -2.64 2.14
CA LYS A 31 -0.20 -3.70 3.06
C LYS A 31 1.22 -3.60 3.58
N TYR A 32 1.47 -4.30 4.65
CA TYR A 32 2.75 -4.32 5.31
C TYR A 32 3.57 -5.44 4.74
N VAL A 33 4.71 -5.13 4.20
CA VAL A 33 5.54 -6.14 3.60
C VAL A 33 6.91 -6.25 4.24
N PHE A 34 7.03 -7.21 5.09
CA PHE A 34 8.26 -7.53 5.75
C PHE A 34 8.90 -8.65 4.98
N ASP A 1 3.58 11.99 6.61
CA ASP A 1 2.89 10.88 7.27
C ASP A 1 2.73 9.75 6.29
N CYS A 2 3.34 8.64 6.60
CA CYS A 2 3.30 7.47 5.76
C CYS A 2 1.94 6.80 5.71
N LEU A 3 1.42 6.67 4.51
CA LEU A 3 0.17 5.99 4.29
C LEU A 3 0.43 4.50 4.29
N GLY A 4 -0.39 3.80 5.02
CA GLY A 4 -0.27 2.38 5.13
C GLY A 4 -1.45 1.82 5.85
N ALA A 5 -1.19 1.02 6.88
CA ALA A 5 -2.22 0.45 7.78
C ALA A 5 -3.36 -0.27 7.05
N PHE A 6 -3.06 -0.82 5.88
CA PHE A 6 -4.03 -1.56 5.05
C PHE A 6 -5.13 -0.65 4.52
N ARG A 7 -4.82 0.63 4.36
CA ARG A 7 -5.79 1.57 3.80
C ARG A 7 -5.73 1.45 2.28
N LYS A 8 -6.80 1.80 1.61
CA LYS A 8 -6.92 1.63 0.16
C LYS A 8 -5.81 2.30 -0.68
N CYS A 9 -5.53 1.71 -1.84
CA CYS A 9 -4.58 2.25 -2.79
C CYS A 9 -4.96 1.82 -4.20
N ILE A 10 -4.40 2.49 -5.19
CA ILE A 10 -4.59 2.11 -6.57
C ILE A 10 -3.41 1.21 -6.96
N PRO A 11 -3.68 -0.04 -7.33
CA PRO A 11 -2.65 -1.08 -7.51
C PRO A 11 -1.49 -0.72 -8.48
N ASP A 12 -1.79 -0.01 -9.54
CA ASP A 12 -0.76 0.32 -10.54
C ASP A 12 -0.25 1.75 -10.39
N ASN A 13 -0.79 2.46 -9.41
CA ASN A 13 -0.44 3.86 -9.19
C ASN A 13 -0.79 4.20 -7.75
N ASP A 14 -0.04 3.62 -6.86
CA ASP A 14 -0.34 3.68 -5.44
C ASP A 14 0.31 4.81 -4.74
N LYS A 15 -0.29 5.17 -3.64
CA LYS A 15 0.26 6.09 -2.72
C LYS A 15 0.38 5.39 -1.37
N CYS A 16 1.48 4.73 -1.18
CA CYS A 16 1.77 4.04 0.03
C CYS A 16 3.22 4.34 0.37
N CYS A 17 3.54 4.38 1.64
CA CYS A 17 4.89 4.70 2.08
C CYS A 17 5.85 3.55 1.81
N ARG A 18 6.61 3.67 0.75
CA ARG A 18 7.54 2.66 0.32
C ARG A 18 8.79 2.73 1.23
N PRO A 19 9.56 1.66 1.40
CA PRO A 19 9.29 0.37 0.78
C PRO A 19 8.63 -0.62 1.74
N ASN A 20 8.12 -0.10 2.86
CA ASN A 20 7.47 -0.96 3.85
C ASN A 20 6.03 -1.19 3.51
N LEU A 21 5.42 -0.19 2.89
CA LEU A 21 4.06 -0.29 2.48
C LEU A 21 4.00 -0.41 0.98
N VAL A 22 3.45 -1.48 0.53
CA VAL A 22 3.29 -1.73 -0.87
C VAL A 22 1.82 -1.90 -1.16
N CYS A 23 1.42 -1.67 -2.36
CA CYS A 23 0.04 -1.77 -2.69
C CYS A 23 -0.26 -3.17 -3.18
N SER A 24 -1.20 -3.81 -2.53
CA SER A 24 -1.64 -5.10 -2.94
C SER A 24 -2.37 -4.96 -4.27
N ARG A 25 -2.05 -5.78 -5.26
CA ARG A 25 -2.74 -5.66 -6.52
C ARG A 25 -4.11 -6.28 -6.45
N LEU A 26 -4.22 -7.33 -5.67
CA LEU A 26 -5.47 -8.05 -5.55
C LEU A 26 -6.37 -7.37 -4.54
N HIS A 27 -5.82 -7.00 -3.41
CA HIS A 27 -6.62 -6.42 -2.33
C HIS A 27 -6.69 -4.91 -2.39
N ARG A 28 -5.85 -4.33 -3.23
CA ARG A 28 -5.75 -2.88 -3.44
C ARG A 28 -5.74 -2.03 -2.16
N TRP A 29 -4.88 -2.42 -1.24
CA TRP A 29 -4.64 -1.68 -0.03
C TRP A 29 -3.16 -1.65 0.26
N CYS A 30 -2.74 -0.65 0.99
CA CYS A 30 -1.36 -0.50 1.36
C CYS A 30 -1.02 -1.52 2.44
N LYS A 31 -0.41 -2.58 2.03
CA LYS A 31 -0.06 -3.65 2.92
C LYS A 31 1.38 -3.53 3.28
N TYR A 32 1.76 -4.19 4.32
CA TYR A 32 3.11 -4.20 4.74
C TYR A 32 3.83 -5.30 4.03
N VAL A 33 5.13 -5.17 3.89
CA VAL A 33 5.93 -6.19 3.26
C VAL A 33 6.01 -7.48 4.08
N PHE A 34 4.95 -8.22 3.98
CA PHE A 34 4.76 -9.48 4.58
C PHE A 34 3.77 -10.18 3.70
N ASP A 1 6.66 10.03 8.53
CA ASP A 1 5.24 9.68 8.41
C ASP A 1 5.09 8.75 7.26
N CYS A 2 4.18 7.83 7.36
CA CYS A 2 3.95 6.90 6.28
C CYS A 2 2.48 6.81 5.99
N LEU A 3 2.16 6.84 4.73
CA LEU A 3 0.80 6.69 4.28
C LEU A 3 0.58 5.23 3.96
N GLY A 4 -0.64 4.78 4.07
CA GLY A 4 -0.92 3.42 3.80
C GLY A 4 -2.05 2.90 4.64
N ALA A 5 -1.71 2.44 5.84
CA ALA A 5 -2.68 1.96 6.86
C ALA A 5 -3.79 1.05 6.29
N PHE A 6 -3.42 0.13 5.39
CA PHE A 6 -4.36 -0.82 4.77
C PHE A 6 -5.41 -0.11 3.92
N ARG A 7 -5.11 1.08 3.42
CA ARG A 7 -6.06 1.78 2.59
C ARG A 7 -6.07 1.17 1.23
N LYS A 8 -7.26 0.92 0.71
CA LYS A 8 -7.41 0.39 -0.62
C LYS A 8 -6.82 1.36 -1.62
N CYS A 9 -5.94 0.85 -2.42
CA CYS A 9 -5.11 1.67 -3.25
C CYS A 9 -5.34 1.46 -4.71
N ILE A 10 -4.82 2.39 -5.48
CA ILE A 10 -4.80 2.32 -6.91
C ILE A 10 -3.39 1.88 -7.29
N PRO A 11 -3.22 0.68 -7.82
CA PRO A 11 -1.88 0.12 -8.13
C PRO A 11 -1.02 0.97 -9.08
N ASP A 12 -1.66 1.85 -9.85
CA ASP A 12 -0.91 2.71 -10.79
C ASP A 12 -0.49 4.03 -10.11
N ASN A 13 -1.06 4.29 -8.96
CA ASN A 13 -0.74 5.52 -8.24
C ASN A 13 -1.06 5.36 -6.77
N ASP A 14 -0.22 4.63 -6.12
CA ASP A 14 -0.32 4.41 -4.70
C ASP A 14 0.50 5.44 -3.98
N LYS A 15 0.02 5.87 -2.85
CA LYS A 15 0.75 6.75 -1.99
C LYS A 15 0.91 6.07 -0.65
N CYS A 16 1.95 5.28 -0.51
CA CYS A 16 2.24 4.50 0.66
C CYS A 16 3.75 4.37 0.70
N CYS A 17 4.38 4.25 1.85
CA CYS A 17 5.84 4.21 1.87
C CYS A 17 6.38 2.84 1.44
N ARG A 18 6.56 2.65 0.14
CA ARG A 18 7.11 1.41 -0.35
C ARG A 18 8.62 1.39 -0.07
N PRO A 19 9.22 0.23 0.18
CA PRO A 19 8.55 -1.06 0.16
C PRO A 19 8.07 -1.51 1.55
N ASN A 20 7.88 -0.58 2.45
CA ASN A 20 7.40 -0.92 3.79
C ASN A 20 5.91 -1.21 3.71
N LEU A 21 5.22 -0.33 3.04
CA LEU A 21 3.82 -0.49 2.74
C LEU A 21 3.67 -0.48 1.27
N VAL A 22 3.15 -1.54 0.76
CA VAL A 22 3.00 -1.68 -0.66
C VAL A 22 1.57 -1.96 -1.03
N CYS A 23 1.18 -1.49 -2.19
CA CYS A 23 -0.17 -1.67 -2.68
C CYS A 23 -0.33 -3.11 -3.15
N SER A 24 -0.83 -3.95 -2.27
CA SER A 24 -0.99 -5.33 -2.56
C SER A 24 -2.15 -5.58 -3.52
N ARG A 25 -1.87 -6.29 -4.59
CA ARG A 25 -2.79 -6.58 -5.64
C ARG A 25 -3.96 -7.46 -5.16
N LEU A 26 -3.64 -8.50 -4.42
CA LEU A 26 -4.65 -9.45 -3.95
C LEU A 26 -5.54 -8.85 -2.88
N HIS A 27 -4.99 -7.94 -2.14
CA HIS A 27 -5.69 -7.33 -1.03
C HIS A 27 -6.38 -6.06 -1.48
N ARG A 28 -5.80 -5.46 -2.52
CA ARG A 28 -6.24 -4.20 -3.12
C ARG A 28 -5.96 -3.03 -2.20
N TRP A 29 -5.10 -3.25 -1.22
CA TRP A 29 -4.77 -2.23 -0.28
C TRP A 29 -3.29 -2.20 0.03
N CYS A 30 -2.84 -1.09 0.53
CA CYS A 30 -1.48 -0.94 0.97
C CYS A 30 -1.27 -1.66 2.26
N LYS A 31 -0.63 -2.77 2.20
CA LYS A 31 -0.46 -3.57 3.35
C LYS A 31 0.96 -3.45 3.88
N TYR A 32 1.10 -3.68 5.15
CA TYR A 32 2.39 -3.64 5.78
C TYR A 32 3.11 -4.93 5.52
N VAL A 33 4.28 -4.85 4.99
CA VAL A 33 5.04 -6.05 4.73
C VAL A 33 6.29 -6.12 5.60
N PHE A 34 6.06 -6.54 6.81
CA PHE A 34 7.11 -6.71 7.79
C PHE A 34 6.99 -8.11 8.33
N ASP A 1 0.69 11.88 6.68
CA ASP A 1 0.74 10.64 7.45
C ASP A 1 1.37 9.59 6.59
N CYS A 2 1.83 8.53 7.21
CA CYS A 2 2.41 7.43 6.49
C CYS A 2 1.30 6.63 5.87
N LEU A 3 1.17 6.72 4.57
CA LEU A 3 0.16 6.01 3.84
C LEU A 3 0.35 4.52 3.99
N GLY A 4 -0.65 3.91 4.53
CA GLY A 4 -0.60 2.51 4.83
C GLY A 4 -1.80 2.09 5.60
N ALA A 5 -1.59 1.34 6.68
CA ALA A 5 -2.65 0.89 7.61
C ALA A 5 -3.80 0.17 6.90
N PHE A 6 -3.48 -0.49 5.79
CA PHE A 6 -4.44 -1.26 5.01
C PHE A 6 -5.51 -0.35 4.43
N ARG A 7 -5.12 0.87 4.07
CA ARG A 7 -6.05 1.77 3.44
C ARG A 7 -6.03 1.51 1.95
N LYS A 8 -7.19 1.59 1.34
CA LYS A 8 -7.37 1.30 -0.09
C LYS A 8 -6.49 2.18 -0.96
N CYS A 9 -5.74 1.56 -1.80
CA CYS A 9 -4.81 2.24 -2.66
C CYS A 9 -5.12 1.95 -4.10
N ILE A 10 -4.38 2.58 -5.00
CA ILE A 10 -4.56 2.37 -6.39
C ILE A 10 -3.39 1.51 -6.87
N PRO A 11 -3.64 0.27 -7.33
CA PRO A 11 -2.56 -0.65 -7.76
C PRO A 11 -1.79 -0.12 -8.98
N ASP A 12 -2.42 0.79 -9.70
CA ASP A 12 -1.85 1.39 -10.90
C ASP A 12 -0.89 2.54 -10.55
N ASN A 13 -0.95 2.95 -9.32
CA ASN A 13 -0.10 4.00 -8.80
C ASN A 13 -0.06 3.93 -7.30
N ASP A 14 0.82 3.06 -6.83
CA ASP A 14 0.96 2.80 -5.41
C ASP A 14 1.45 4.02 -4.66
N LYS A 15 0.61 4.47 -3.79
CA LYS A 15 0.93 5.53 -2.91
C LYS A 15 0.79 5.06 -1.48
N CYS A 16 1.87 4.52 -0.97
CA CYS A 16 1.95 3.99 0.36
C CYS A 16 3.37 4.31 0.82
N CYS A 17 3.72 4.07 2.06
CA CYS A 17 5.10 4.28 2.47
C CYS A 17 6.05 3.21 1.89
N ARG A 18 6.46 3.42 0.66
CA ARG A 18 7.36 2.49 -0.01
C ARG A 18 8.78 2.66 0.53
N PRO A 19 9.62 1.61 0.48
CA PRO A 19 9.22 0.28 -0.02
C PRO A 19 8.77 -0.65 1.11
N ASN A 20 8.66 -0.09 2.30
CA ASN A 20 8.28 -0.84 3.49
C ASN A 20 6.84 -1.29 3.39
N LEU A 21 6.05 -0.51 2.70
CA LEU A 21 4.67 -0.81 2.44
C LEU A 21 4.46 -0.79 0.96
N VAL A 22 3.62 -1.67 0.48
CA VAL A 22 3.30 -1.73 -0.93
C VAL A 22 1.81 -1.78 -1.09
N CYS A 23 1.35 -1.42 -2.25
CA CYS A 23 -0.04 -1.47 -2.55
C CYS A 23 -0.33 -2.85 -3.07
N SER A 24 -1.04 -3.64 -2.31
CA SER A 24 -1.39 -4.94 -2.76
C SER A 24 -2.35 -4.80 -3.91
N ARG A 25 -1.97 -5.29 -5.06
CA ARG A 25 -2.81 -5.17 -6.22
C ARG A 25 -3.94 -6.19 -6.19
N LEU A 26 -3.77 -7.18 -5.32
CA LEU A 26 -4.78 -8.20 -5.09
C LEU A 26 -5.81 -7.70 -4.08
N HIS A 27 -5.33 -7.19 -2.97
CA HIS A 27 -6.21 -6.76 -1.88
C HIS A 27 -6.69 -5.32 -2.06
N ARG A 28 -5.93 -4.55 -2.83
CA ARG A 28 -6.25 -3.14 -3.17
C ARG A 28 -6.04 -2.20 -1.99
N TRP A 29 -5.19 -2.59 -1.07
CA TRP A 29 -4.86 -1.76 0.06
C TRP A 29 -3.37 -1.79 0.37
N CYS A 30 -2.90 -0.74 1.03
CA CYS A 30 -1.51 -0.61 1.40
C CYS A 30 -1.17 -1.55 2.55
N LYS A 31 -0.40 -2.57 2.25
CA LYS A 31 -0.06 -3.55 3.23
C LYS A 31 1.39 -3.37 3.67
N TYR A 32 1.71 -3.85 4.86
CA TYR A 32 3.04 -3.74 5.42
C TYR A 32 3.90 -4.91 5.00
N VAL A 33 5.04 -4.63 4.42
CA VAL A 33 5.96 -5.67 3.98
C VAL A 33 7.10 -5.80 4.97
N PHE A 34 7.52 -4.69 5.51
CA PHE A 34 8.60 -4.68 6.46
C PHE A 34 8.05 -4.91 7.85
N ASP A 1 -0.20 6.65 10.66
CA ASP A 1 1.20 7.02 10.46
C ASP A 1 1.59 6.73 9.05
N CYS A 2 2.14 7.73 8.36
CA CYS A 2 2.58 7.60 6.98
C CYS A 2 1.36 7.25 6.09
N LEU A 3 1.58 6.79 4.90
CA LEU A 3 0.50 6.38 4.04
C LEU A 3 0.56 4.87 3.87
N GLY A 4 -0.57 4.26 3.90
CA GLY A 4 -0.67 2.84 3.83
C GLY A 4 -1.70 2.33 4.79
N ALA A 5 -1.24 1.72 5.88
CA ALA A 5 -2.09 1.26 7.00
C ALA A 5 -3.36 0.49 6.56
N PHE A 6 -3.20 -0.43 5.60
CA PHE A 6 -4.29 -1.27 5.09
C PHE A 6 -5.39 -0.43 4.43
N ARG A 7 -5.04 0.73 3.91
CA ARG A 7 -6.03 1.56 3.24
C ARG A 7 -5.99 1.26 1.77
N LYS A 8 -7.16 1.32 1.13
CA LYS A 8 -7.32 1.02 -0.28
C LYS A 8 -6.37 1.86 -1.11
N CYS A 9 -5.68 1.22 -1.99
CA CYS A 9 -4.62 1.85 -2.75
C CYS A 9 -4.94 1.99 -4.21
N ILE A 10 -4.07 2.66 -4.92
CA ILE A 10 -4.16 2.79 -6.35
C ILE A 10 -3.12 1.82 -6.92
N PRO A 11 -3.53 0.73 -7.57
CA PRO A 11 -2.60 -0.27 -8.06
C PRO A 11 -1.68 0.23 -9.19
N ASP A 12 -2.05 1.31 -9.85
CA ASP A 12 -1.20 1.85 -10.91
C ASP A 12 -0.19 2.87 -10.36
N ASN A 13 -0.41 3.28 -9.14
CA ASN A 13 0.44 4.27 -8.47
C ASN A 13 0.10 4.30 -7.02
N ASP A 14 0.69 3.42 -6.28
CA ASP A 14 0.40 3.33 -4.87
C ASP A 14 1.18 4.31 -4.06
N LYS A 15 0.43 5.18 -3.44
CA LYS A 15 0.98 6.24 -2.66
C LYS A 15 0.93 5.81 -1.20
N CYS A 16 1.94 5.13 -0.79
CA CYS A 16 2.10 4.64 0.53
C CYS A 16 3.57 4.77 0.83
N CYS A 17 4.02 4.45 2.05
CA CYS A 17 5.43 4.62 2.45
C CYS A 17 6.39 4.12 1.35
N ARG A 18 6.27 2.83 1.00
CA ARG A 18 7.01 2.15 -0.09
C ARG A 18 8.58 2.26 0.05
N PRO A 19 9.31 1.13 -0.04
CA PRO A 19 8.79 -0.19 -0.35
C PRO A 19 8.33 -1.00 0.85
N ASN A 20 8.24 -0.36 2.01
CA ASN A 20 7.81 -1.06 3.22
C ASN A 20 6.32 -1.27 3.22
N LEU A 21 5.61 -0.36 2.59
CA LEU A 21 4.17 -0.50 2.40
C LEU A 21 3.87 -0.31 0.96
N VAL A 22 3.32 -1.33 0.37
CA VAL A 22 3.03 -1.34 -1.05
C VAL A 22 1.59 -1.80 -1.23
N CYS A 23 0.95 -1.33 -2.27
CA CYS A 23 -0.40 -1.72 -2.60
C CYS A 23 -0.46 -3.20 -2.91
N SER A 24 -1.30 -3.89 -2.22
CA SER A 24 -1.55 -5.23 -2.55
C SER A 24 -2.48 -5.23 -3.74
N ARG A 25 -2.07 -5.80 -4.84
CA ARG A 25 -2.92 -5.86 -6.01
C ARG A 25 -3.97 -6.96 -5.82
N LEU A 26 -3.78 -7.76 -4.80
CA LEU A 26 -4.69 -8.82 -4.48
C LEU A 26 -5.79 -8.30 -3.56
N HIS A 27 -5.37 -7.65 -2.50
CA HIS A 27 -6.29 -7.16 -1.47
C HIS A 27 -6.81 -5.76 -1.81
N ARG A 28 -6.07 -5.05 -2.65
CA ARG A 28 -6.40 -3.68 -3.09
C ARG A 28 -6.24 -2.64 -1.98
N TRP A 29 -5.45 -2.99 -0.99
CA TRP A 29 -5.07 -2.07 0.06
C TRP A 29 -3.57 -2.12 0.26
N CYS A 30 -3.01 -1.08 0.80
CA CYS A 30 -1.58 -1.05 1.10
C CYS A 30 -1.24 -1.91 2.27
N LYS A 31 -0.47 -2.92 2.00
CA LYS A 31 -0.10 -3.90 2.98
C LYS A 31 1.30 -3.64 3.47
N TYR A 32 1.61 -4.18 4.62
CA TYR A 32 2.92 -4.07 5.20
C TYR A 32 3.83 -5.14 4.63
N VAL A 33 4.80 -4.70 3.91
CA VAL A 33 5.79 -5.55 3.30
C VAL A 33 6.97 -5.65 4.26
N PHE A 34 7.18 -4.57 5.00
CA PHE A 34 8.22 -4.50 5.99
C PHE A 34 7.79 -3.46 7.03
N ASP A 1 1.19 12.06 7.56
CA ASP A 1 0.34 10.92 7.20
C ASP A 1 1.13 9.97 6.35
N CYS A 2 0.94 8.71 6.56
CA CYS A 2 1.61 7.69 5.81
C CYS A 2 0.60 6.64 5.44
N LEU A 3 0.47 6.38 4.17
CA LEU A 3 -0.45 5.37 3.70
C LEU A 3 0.08 4.02 4.08
N GLY A 4 -0.73 3.35 4.82
CA GLY A 4 -0.43 2.07 5.40
C GLY A 4 -1.68 1.56 6.04
N ALA A 5 -1.56 0.77 7.09
CA ALA A 5 -2.70 0.28 7.91
C ALA A 5 -3.84 -0.36 7.12
N PHE A 6 -3.51 -0.92 5.96
CA PHE A 6 -4.46 -1.60 5.07
C PHE A 6 -5.51 -0.64 4.52
N ARG A 7 -5.14 0.64 4.45
CA ARG A 7 -6.02 1.67 3.92
C ARG A 7 -6.04 1.57 2.39
N LYS A 8 -7.13 2.03 1.80
CA LYS A 8 -7.28 2.04 0.34
C LYS A 8 -6.27 2.95 -0.30
N CYS A 9 -5.73 2.49 -1.39
CA CYS A 9 -4.76 3.22 -2.15
C CYS A 9 -4.87 2.79 -3.60
N ILE A 10 -4.16 3.46 -4.49
CA ILE A 10 -4.15 3.10 -5.88
C ILE A 10 -3.23 1.86 -6.05
N PRO A 11 -3.78 0.71 -6.47
CA PRO A 11 -3.02 -0.54 -6.55
C PRO A 11 -2.07 -0.64 -7.76
N ASP A 12 -2.50 -0.16 -8.92
CA ASP A 12 -1.67 -0.32 -10.13
C ASP A 12 -0.62 0.78 -10.23
N ASN A 13 -0.80 1.76 -9.42
CA ASN A 13 0.14 2.84 -9.26
C ASN A 13 0.21 3.06 -7.78
N ASP A 14 0.95 2.20 -7.15
CA ASP A 14 0.99 2.08 -5.70
C ASP A 14 1.32 3.35 -4.99
N LYS A 15 0.37 3.80 -4.24
CA LYS A 15 0.50 4.94 -3.41
C LYS A 15 0.59 4.47 -2.01
N CYS A 16 1.78 4.34 -1.53
CA CYS A 16 2.02 3.89 -0.23
C CYS A 16 3.38 4.47 0.08
N CYS A 17 3.75 4.56 1.34
CA CYS A 17 5.04 5.17 1.68
C CYS A 17 6.24 4.50 0.97
N ARG A 18 6.18 3.16 0.79
CA ARG A 18 7.12 2.37 -0.06
C ARG A 18 8.61 2.41 0.43
N PRO A 19 9.36 1.30 0.32
CA PRO A 19 8.88 0.03 -0.19
C PRO A 19 8.50 -0.95 0.91
N ASN A 20 8.48 -0.50 2.15
CA ASN A 20 8.11 -1.38 3.25
C ASN A 20 6.62 -1.41 3.35
N LEU A 21 6.00 -0.36 2.85
CA LEU A 21 4.58 -0.31 2.71
C LEU A 21 4.28 -0.38 1.25
N VAL A 22 3.57 -1.38 0.87
CA VAL A 22 3.26 -1.57 -0.51
C VAL A 22 1.76 -1.66 -0.69
N CYS A 23 1.27 -0.97 -1.67
CA CYS A 23 -0.13 -1.03 -1.97
C CYS A 23 -0.31 -2.20 -2.89
N SER A 24 -0.93 -3.25 -2.40
CA SER A 24 -1.09 -4.44 -3.18
C SER A 24 -2.03 -4.20 -4.36
N ARG A 25 -1.59 -4.64 -5.51
CA ARG A 25 -2.28 -4.52 -6.75
C ARG A 25 -3.63 -5.26 -6.70
N LEU A 26 -3.62 -6.44 -6.11
CA LEU A 26 -4.81 -7.26 -6.02
C LEU A 26 -5.63 -6.99 -4.77
N HIS A 27 -4.95 -6.79 -3.66
CA HIS A 27 -5.67 -6.55 -2.39
C HIS A 27 -6.18 -5.11 -2.32
N ARG A 28 -5.55 -4.24 -3.12
CA ARG A 28 -5.96 -2.84 -3.30
C ARG A 28 -5.79 -2.01 -2.03
N TRP A 29 -4.88 -2.41 -1.19
CA TRP A 29 -4.61 -1.69 0.04
C TRP A 29 -3.14 -1.75 0.41
N CYS A 30 -2.73 -0.82 1.23
CA CYS A 30 -1.38 -0.77 1.75
C CYS A 30 -1.14 -1.82 2.78
N LYS A 31 -0.29 -2.73 2.46
CA LYS A 31 0.03 -3.81 3.33
C LYS A 31 1.48 -3.68 3.79
N TYR A 32 1.79 -4.29 4.91
CA TYR A 32 3.12 -4.20 5.48
C TYR A 32 3.96 -5.36 5.00
N VAL A 33 5.03 -5.06 4.32
CA VAL A 33 5.89 -6.10 3.84
C VAL A 33 7.22 -6.10 4.59
N PHE A 34 7.32 -6.98 5.54
CA PHE A 34 8.49 -7.12 6.36
C PHE A 34 8.82 -8.59 6.47
N ASP A 1 1.19 10.15 10.12
CA ASP A 1 0.54 10.20 8.83
C ASP A 1 1.44 9.58 7.78
N CYS A 2 0.98 8.52 7.19
CA CYS A 2 1.69 7.83 6.15
C CYS A 2 0.65 6.93 5.48
N LEU A 3 0.84 6.63 4.22
CA LEU A 3 -0.12 5.84 3.48
C LEU A 3 0.10 4.36 3.77
N GLY A 4 -0.65 3.90 4.68
CA GLY A 4 -0.54 2.54 5.12
C GLY A 4 -1.75 2.13 5.88
N ALA A 5 -1.54 1.47 7.03
CA ALA A 5 -2.60 1.00 7.94
C ALA A 5 -3.65 0.15 7.24
N PHE A 6 -3.24 -0.54 6.17
CA PHE A 6 -4.10 -1.39 5.38
C PHE A 6 -5.25 -0.58 4.80
N ARG A 7 -4.92 0.60 4.31
CA ARG A 7 -5.90 1.44 3.65
C ARG A 7 -5.75 1.27 2.18
N LYS A 8 -6.79 1.62 1.44
CA LYS A 8 -6.85 1.48 0.00
C LYS A 8 -5.66 2.13 -0.69
N CYS A 9 -5.25 1.54 -1.76
CA CYS A 9 -4.15 2.06 -2.52
C CYS A 9 -4.51 2.01 -4.00
N ILE A 10 -3.82 2.79 -4.80
CA ILE A 10 -3.98 2.78 -6.23
C ILE A 10 -2.88 1.88 -6.81
N PRO A 11 -3.18 0.87 -7.63
CA PRO A 11 -2.15 -0.01 -8.17
C PRO A 11 -1.50 0.55 -9.45
N ASP A 12 -2.16 1.50 -10.08
CA ASP A 12 -1.67 2.13 -11.33
C ASP A 12 -0.63 3.18 -11.01
N ASN A 13 -0.56 3.50 -9.76
CA ASN A 13 0.37 4.45 -9.20
C ASN A 13 0.32 4.21 -7.72
N ASP A 14 1.15 3.29 -7.27
CA ASP A 14 1.11 2.85 -5.89
C ASP A 14 1.51 3.91 -4.93
N LYS A 15 0.59 4.24 -4.07
CA LYS A 15 0.81 5.21 -3.07
C LYS A 15 0.62 4.61 -1.69
N CYS A 16 1.70 4.13 -1.16
CA CYS A 16 1.79 3.57 0.16
C CYS A 16 3.13 4.03 0.70
N CYS A 17 3.46 3.68 1.92
CA CYS A 17 4.78 4.06 2.44
C CYS A 17 5.84 3.16 1.82
N ARG A 18 6.21 3.45 0.59
CA ARG A 18 7.23 2.69 -0.10
C ARG A 18 8.57 3.00 0.52
N PRO A 19 9.47 2.02 0.63
CA PRO A 19 9.22 0.65 0.21
C PRO A 19 8.90 -0.27 1.40
N ASN A 20 8.40 0.30 2.48
CA ASN A 20 8.04 -0.48 3.67
C ASN A 20 6.72 -1.20 3.41
N LEU A 21 5.85 -0.51 2.72
CA LEU A 21 4.57 -1.06 2.31
C LEU A 21 4.48 -1.02 0.82
N VAL A 22 3.66 -1.89 0.29
CA VAL A 22 3.40 -1.96 -1.14
C VAL A 22 1.90 -2.01 -1.35
N CYS A 23 1.46 -1.68 -2.53
CA CYS A 23 0.06 -1.72 -2.83
C CYS A 23 -0.33 -3.09 -3.32
N SER A 24 -1.09 -3.80 -2.54
CA SER A 24 -1.62 -5.04 -2.98
C SER A 24 -2.74 -4.75 -3.93
N ARG A 25 -2.66 -5.25 -5.12
CA ARG A 25 -3.71 -5.06 -6.07
C ARG A 25 -4.80 -6.10 -5.82
N LEU A 26 -4.41 -7.17 -5.16
CA LEU A 26 -5.28 -8.27 -4.81
C LEU A 26 -6.15 -7.91 -3.62
N HIS A 27 -5.53 -7.42 -2.56
CA HIS A 27 -6.27 -7.04 -1.36
C HIS A 27 -6.79 -5.62 -1.49
N ARG A 28 -6.16 -4.86 -2.39
CA ARG A 28 -6.51 -3.51 -2.76
C ARG A 28 -6.12 -2.48 -1.67
N TRP A 29 -5.19 -2.87 -0.82
CA TRP A 29 -4.74 -1.99 0.24
C TRP A 29 -3.24 -2.00 0.39
N CYS A 30 -2.75 -1.03 1.12
CA CYS A 30 -1.36 -0.90 1.45
C CYS A 30 -0.97 -1.92 2.50
N LYS A 31 -0.22 -2.91 2.09
CA LYS A 31 0.18 -3.97 2.98
C LYS A 31 1.67 -3.85 3.29
N TYR A 32 2.04 -4.30 4.44
CA TYR A 32 3.42 -4.23 4.93
C TYR A 32 4.17 -5.46 4.44
N VAL A 33 5.36 -5.26 3.93
CA VAL A 33 6.18 -6.36 3.45
C VAL A 33 7.55 -6.38 4.13
N PHE A 34 7.83 -7.46 4.79
CA PHE A 34 9.05 -7.63 5.53
C PHE A 34 9.64 -9.01 5.28
N ASP A 1 0.30 11.58 7.46
CA ASP A 1 0.39 10.22 8.04
C ASP A 1 1.13 9.36 7.07
N CYS A 2 1.64 8.25 7.55
CA CYS A 2 2.30 7.29 6.70
C CYS A 2 1.21 6.55 5.97
N LEU A 3 1.16 6.74 4.65
CA LEU A 3 0.17 6.08 3.83
C LEU A 3 0.36 4.59 3.97
N GLY A 4 -0.60 3.97 4.53
CA GLY A 4 -0.51 2.59 4.78
C GLY A 4 -1.48 2.17 5.83
N ALA A 5 -1.24 1.02 6.43
CA ALA A 5 -2.11 0.44 7.44
C ALA A 5 -3.50 0.16 6.87
N PHE A 6 -3.52 -0.69 5.85
CA PHE A 6 -4.75 -1.19 5.21
C PHE A 6 -5.53 -0.11 4.45
N ARG A 7 -4.89 1.00 4.13
CA ARG A 7 -5.53 2.02 3.31
C ARG A 7 -5.72 1.53 1.91
N LYS A 8 -6.96 1.52 1.44
CA LYS A 8 -7.26 1.13 0.08
C LYS A 8 -6.67 2.14 -0.90
N CYS A 9 -5.72 1.69 -1.64
CA CYS A 9 -4.93 2.52 -2.50
C CYS A 9 -5.05 2.09 -3.94
N ILE A 10 -4.41 2.85 -4.82
CA ILE A 10 -4.36 2.55 -6.21
C ILE A 10 -3.08 1.74 -6.44
N PRO A 11 -3.18 0.46 -6.79
CA PRO A 11 -1.99 -0.37 -7.04
C PRO A 11 -1.42 -0.12 -8.43
N ASP A 12 -2.12 0.69 -9.20
CA ASP A 12 -1.67 1.10 -10.53
C ASP A 12 -0.58 2.15 -10.41
N ASN A 13 -0.45 2.66 -9.21
CA ASN A 13 0.55 3.61 -8.81
C ASN A 13 0.54 3.64 -7.32
N ASP A 14 1.34 2.76 -6.73
CA ASP A 14 1.39 2.54 -5.27
C ASP A 14 1.56 3.84 -4.52
N LYS A 15 0.56 4.16 -3.75
CA LYS A 15 0.59 5.32 -2.91
C LYS A 15 0.47 4.87 -1.48
N CYS A 16 1.60 4.56 -0.93
CA CYS A 16 1.76 4.07 0.41
C CYS A 16 3.19 4.45 0.77
N CYS A 17 3.62 4.20 1.99
CA CYS A 17 5.02 4.44 2.34
C CYS A 17 5.93 3.40 1.65
N ARG A 18 6.21 3.65 0.38
CA ARG A 18 6.94 2.75 -0.48
C ARG A 18 8.42 2.79 -0.11
N PRO A 19 9.14 1.64 -0.11
CA PRO A 19 8.60 0.32 -0.46
C PRO A 19 8.38 -0.56 0.78
N ASN A 20 8.22 0.08 1.92
CA ASN A 20 7.99 -0.63 3.18
C ASN A 20 6.55 -1.09 3.23
N LEU A 21 5.70 -0.23 2.75
CA LEU A 21 4.30 -0.50 2.63
C LEU A 21 3.96 -0.39 1.17
N VAL A 22 3.43 -1.43 0.62
CA VAL A 22 3.14 -1.46 -0.80
C VAL A 22 1.67 -1.65 -1.04
N CYS A 23 1.23 -1.30 -2.20
CA CYS A 23 -0.15 -1.39 -2.52
C CYS A 23 -0.38 -2.69 -3.27
N SER A 24 -1.09 -3.59 -2.64
CA SER A 24 -1.39 -4.88 -3.22
C SER A 24 -2.41 -4.71 -4.33
N ARG A 25 -2.25 -5.47 -5.39
CA ARG A 25 -3.22 -5.43 -6.46
C ARG A 25 -4.40 -6.28 -6.05
N LEU A 26 -4.08 -7.41 -5.46
CA LEU A 26 -5.07 -8.40 -5.03
C LEU A 26 -5.99 -7.82 -3.98
N HIS A 27 -5.41 -7.26 -2.95
CA HIS A 27 -6.18 -6.74 -1.84
C HIS A 27 -6.56 -5.28 -2.08
N ARG A 28 -5.81 -4.63 -2.95
CA ARG A 28 -5.99 -3.24 -3.32
C ARG A 28 -5.87 -2.30 -2.08
N TRP A 29 -4.94 -2.63 -1.21
CA TRP A 29 -4.66 -1.79 -0.06
C TRP A 29 -3.18 -1.83 0.26
N CYS A 30 -2.75 -0.88 1.07
CA CYS A 30 -1.38 -0.81 1.51
C CYS A 30 -1.09 -1.89 2.52
N LYS A 31 -0.35 -2.88 2.09
CA LYS A 31 0.00 -3.99 2.90
C LYS A 31 1.46 -3.88 3.31
N TYR A 32 1.85 -4.71 4.22
CA TYR A 32 3.18 -4.70 4.76
C TYR A 32 4.05 -5.67 3.99
N VAL A 33 5.29 -5.29 3.74
CA VAL A 33 6.26 -6.18 3.12
C VAL A 33 7.56 -6.20 3.90
N PHE A 34 7.59 -7.05 4.86
CA PHE A 34 8.74 -7.22 5.70
C PHE A 34 8.98 -8.69 5.82
N ASP A 1 1.46 7.99 11.69
CA ASP A 1 0.62 7.56 10.57
C ASP A 1 1.38 7.69 9.29
N CYS A 2 1.69 6.58 8.71
CA CYS A 2 2.43 6.57 7.48
C CYS A 2 1.42 6.23 6.39
N LEU A 3 1.58 6.80 5.20
CA LEU A 3 0.67 6.51 4.09
C LEU A 3 0.67 5.04 3.78
N GLY A 4 -0.47 4.47 3.82
CA GLY A 4 -0.64 3.07 3.65
C GLY A 4 -1.37 2.52 4.81
N ALA A 5 -0.78 1.55 5.50
CA ALA A 5 -1.34 0.94 6.72
C ALA A 5 -2.75 0.37 6.50
N PHE A 6 -2.84 -0.60 5.60
CA PHE A 6 -4.11 -1.30 5.26
C PHE A 6 -5.11 -0.41 4.55
N ARG A 7 -4.71 0.78 4.16
CA ARG A 7 -5.63 1.66 3.47
C ARG A 7 -5.63 1.34 2.00
N LYS A 8 -6.78 1.51 1.36
CA LYS A 8 -6.97 1.13 -0.03
C LYS A 8 -6.00 1.83 -0.94
N CYS A 9 -5.50 1.12 -1.90
CA CYS A 9 -4.48 1.63 -2.77
C CYS A 9 -4.95 1.72 -4.20
N ILE A 10 -4.16 2.38 -5.01
CA ILE A 10 -4.37 2.45 -6.43
C ILE A 10 -3.27 1.59 -7.04
N PRO A 11 -3.60 0.43 -7.62
CA PRO A 11 -2.60 -0.52 -8.12
C PRO A 11 -1.73 0.03 -9.26
N ASP A 12 -2.25 1.02 -9.97
CA ASP A 12 -1.53 1.60 -11.10
C ASP A 12 -0.60 2.75 -10.65
N ASN A 13 -0.78 3.20 -9.44
CA ASN A 13 0.04 4.28 -8.87
C ASN A 13 -0.21 4.39 -7.39
N ASP A 14 0.44 3.51 -6.67
CA ASP A 14 0.26 3.44 -5.25
C ASP A 14 1.18 4.40 -4.55
N LYS A 15 0.59 5.27 -3.80
CA LYS A 15 1.32 6.28 -3.10
C LYS A 15 1.20 6.02 -1.62
N CYS A 16 2.09 5.22 -1.13
CA CYS A 16 2.16 4.84 0.25
C CYS A 16 3.63 4.80 0.61
N CYS A 17 3.95 4.56 1.86
CA CYS A 17 5.34 4.53 2.32
C CYS A 17 6.11 3.34 1.76
N ARG A 18 6.61 3.49 0.55
CA ARG A 18 7.41 2.47 -0.09
C ARG A 18 8.78 2.40 0.62
N PRO A 19 9.36 1.22 0.81
CA PRO A 19 8.81 -0.05 0.39
C PRO A 19 8.14 -0.82 1.54
N ASN A 20 7.82 -0.13 2.61
CA ASN A 20 7.23 -0.76 3.78
C ASN A 20 5.75 -1.06 3.52
N LEU A 21 5.08 -0.10 2.96
CA LEU A 21 3.69 -0.19 2.67
C LEU A 21 3.52 -0.07 1.16
N VAL A 22 2.98 -1.09 0.57
CA VAL A 22 2.83 -1.12 -0.86
C VAL A 22 1.45 -1.67 -1.22
N CYS A 23 0.97 -1.34 -2.38
CA CYS A 23 -0.35 -1.75 -2.82
C CYS A 23 -0.41 -3.23 -3.08
N SER A 24 -1.21 -3.92 -2.31
CA SER A 24 -1.52 -5.27 -2.60
C SER A 24 -2.51 -5.25 -3.74
N ARG A 25 -2.12 -5.72 -4.89
CA ARG A 25 -3.00 -5.69 -6.05
C ARG A 25 -4.21 -6.58 -5.83
N LEU A 26 -3.98 -7.69 -5.18
CA LEU A 26 -5.04 -8.64 -4.89
C LEU A 26 -5.99 -8.12 -3.80
N HIS A 27 -5.42 -7.63 -2.71
CA HIS A 27 -6.23 -7.21 -1.56
C HIS A 27 -6.80 -5.81 -1.73
N ARG A 28 -6.19 -5.02 -2.61
CA ARG A 28 -6.62 -3.64 -2.93
C ARG A 28 -6.22 -2.62 -1.85
N TRP A 29 -5.30 -2.98 -0.98
CA TRP A 29 -4.86 -2.05 0.03
C TRP A 29 -3.34 -2.06 0.20
N CYS A 30 -2.82 -0.97 0.73
CA CYS A 30 -1.41 -0.84 1.03
C CYS A 30 -1.07 -1.65 2.26
N LYS A 31 -0.47 -2.79 2.03
CA LYS A 31 -0.15 -3.74 3.05
C LYS A 31 1.26 -3.52 3.56
N TYR A 32 1.58 -4.20 4.65
CA TYR A 32 2.90 -4.16 5.25
C TYR A 32 3.75 -5.26 4.69
N VAL A 33 4.89 -4.92 4.17
CA VAL A 33 5.82 -5.87 3.63
C VAL A 33 7.21 -5.57 4.13
N PHE A 34 8.08 -6.50 3.95
CA PHE A 34 9.45 -6.37 4.32
C PHE A 34 10.28 -6.92 3.20
N ASP A 1 2.99 9.71 11.05
CA ASP A 1 2.67 8.45 10.37
C ASP A 1 3.17 8.50 8.96
N CYS A 2 2.92 7.45 8.24
CA CYS A 2 3.28 7.33 6.85
C CYS A 2 2.07 6.75 6.13
N LEU A 3 1.92 7.04 4.86
CA LEU A 3 0.78 6.55 4.10
C LEU A 3 0.85 5.06 3.90
N GLY A 4 -0.25 4.43 4.13
CA GLY A 4 -0.37 3.02 4.01
C GLY A 4 -1.17 2.49 5.16
N ALA A 5 -0.87 1.27 5.59
CA ALA A 5 -1.55 0.65 6.74
C ALA A 5 -3.02 0.33 6.46
N PHE A 6 -3.24 -0.53 5.48
CA PHE A 6 -4.57 -1.07 5.11
C PHE A 6 -5.48 -0.03 4.43
N ARG A 7 -4.90 1.06 3.98
CA ARG A 7 -5.66 2.05 3.26
C ARG A 7 -5.86 1.59 1.84
N LYS A 8 -7.09 1.66 1.37
CA LYS A 8 -7.44 1.25 0.02
C LYS A 8 -6.87 2.23 -0.98
N CYS A 9 -6.29 1.71 -2.02
CA CYS A 9 -5.54 2.48 -2.96
C CYS A 9 -5.66 1.92 -4.36
N ILE A 10 -5.10 2.64 -5.31
CA ILE A 10 -5.01 2.20 -6.68
C ILE A 10 -3.67 1.48 -6.80
N PRO A 11 -3.69 0.15 -7.05
CA PRO A 11 -2.47 -0.66 -7.08
C PRO A 11 -1.54 -0.36 -8.26
N ASP A 12 -2.00 0.44 -9.18
CA ASP A 12 -1.20 0.79 -10.35
C ASP A 12 -0.49 2.10 -10.19
N ASN A 13 -0.75 2.76 -9.09
CA ASN A 13 -0.11 4.03 -8.76
C ASN A 13 -0.47 4.39 -7.33
N ASP A 14 0.18 3.72 -6.41
CA ASP A 14 -0.10 3.94 -5.01
C ASP A 14 0.82 4.95 -4.41
N LYS A 15 0.32 5.62 -3.42
CA LYS A 15 1.08 6.54 -2.66
C LYS A 15 1.08 6.12 -1.20
N CYS A 16 2.02 5.29 -0.87
CA CYS A 16 2.25 4.77 0.43
C CYS A 16 3.75 4.62 0.54
N CYS A 17 4.28 4.44 1.76
CA CYS A 17 5.74 4.39 2.03
C CYS A 17 6.53 3.64 0.94
N ARG A 18 6.13 2.38 0.68
CA ARG A 18 6.74 1.45 -0.30
C ARG A 18 8.26 1.19 -0.07
N PRO A 19 8.66 -0.09 0.08
CA PRO A 19 7.77 -1.26 0.03
C PRO A 19 7.16 -1.57 1.38
N ASN A 20 7.59 -0.82 2.41
CA ASN A 20 7.12 -0.98 3.82
C ASN A 20 5.60 -1.10 3.85
N LEU A 21 4.96 -0.14 3.22
CA LEU A 21 3.54 -0.16 3.01
C LEU A 21 3.36 0.08 1.54
N VAL A 22 2.76 -0.84 0.86
CA VAL A 22 2.58 -0.70 -0.57
C VAL A 22 1.27 -1.33 -0.96
N CYS A 23 0.66 -0.79 -1.97
CA CYS A 23 -0.64 -1.24 -2.42
C CYS A 23 -0.50 -2.57 -3.12
N SER A 24 -0.90 -3.62 -2.46
CA SER A 24 -0.89 -4.93 -3.05
C SER A 24 -1.93 -4.97 -4.16
N ARG A 25 -1.56 -5.50 -5.31
CA ARG A 25 -2.50 -5.63 -6.41
C ARG A 25 -3.48 -6.75 -6.15
N LEU A 26 -3.07 -7.68 -5.31
CA LEU A 26 -3.89 -8.81 -4.96
C LEU A 26 -4.90 -8.40 -3.88
N HIS A 27 -4.44 -7.65 -2.90
CA HIS A 27 -5.32 -7.25 -1.79
C HIS A 27 -6.08 -5.94 -2.11
N ARG A 28 -5.46 -5.08 -2.91
CA ARG A 28 -5.99 -3.75 -3.32
C ARG A 28 -5.96 -2.72 -2.19
N TRP A 29 -5.03 -2.92 -1.26
CA TRP A 29 -4.79 -1.96 -0.20
C TRP A 29 -3.31 -1.91 0.11
N CYS A 30 -2.86 -0.81 0.68
CA CYS A 30 -1.49 -0.67 1.09
C CYS A 30 -1.24 -1.49 2.32
N LYS A 31 -0.66 -2.62 2.12
CA LYS A 31 -0.44 -3.53 3.18
C LYS A 31 1.00 -3.45 3.62
N TYR A 32 1.29 -4.08 4.72
CA TYR A 32 2.62 -4.14 5.25
C TYR A 32 3.39 -5.20 4.51
N VAL A 33 4.49 -4.82 3.96
CA VAL A 33 5.35 -5.74 3.27
C VAL A 33 6.70 -5.72 3.94
N PHE A 34 6.89 -6.67 4.79
CA PHE A 34 8.08 -6.82 5.55
C PHE A 34 8.97 -7.89 4.93
N ASP A 1 2.24 5.85 12.26
CA ASP A 1 1.64 5.54 10.96
C ASP A 1 2.48 6.14 9.87
N CYS A 2 2.11 5.87 8.64
CA CYS A 2 2.73 6.42 7.49
C CYS A 2 1.68 6.26 6.38
N LEU A 3 1.96 6.68 5.18
CA LEU A 3 1.01 6.54 4.07
C LEU A 3 0.88 5.09 3.73
N GLY A 4 -0.29 4.58 3.87
CA GLY A 4 -0.56 3.20 3.59
C GLY A 4 -1.64 2.71 4.48
N ALA A 5 -1.25 2.32 5.71
CA ALA A 5 -2.16 1.90 6.79
C ALA A 5 -3.18 0.85 6.39
N PHE A 6 -2.83 -0.02 5.44
CA PHE A 6 -3.73 -1.09 5.01
C PHE A 6 -5.02 -0.49 4.37
N ARG A 7 -4.85 0.68 3.78
CA ARG A 7 -5.96 1.39 3.13
C ARG A 7 -5.94 1.09 1.64
N LYS A 8 -7.11 1.13 1.02
CA LYS A 8 -7.27 0.83 -0.40
C LYS A 8 -6.45 1.75 -1.29
N CYS A 9 -5.78 1.17 -2.22
CA CYS A 9 -4.88 1.86 -3.10
C CYS A 9 -5.16 1.50 -4.53
N ILE A 10 -4.74 2.36 -5.43
CA ILE A 10 -4.80 2.07 -6.84
C ILE A 10 -3.49 1.37 -7.18
N PRO A 11 -3.53 0.10 -7.62
CA PRO A 11 -2.35 -0.76 -7.82
C PRO A 11 -1.18 -0.13 -8.60
N ASP A 12 -1.46 0.79 -9.48
CA ASP A 12 -0.37 1.42 -10.23
C ASP A 12 -0.22 2.91 -9.93
N ASN A 13 -1.05 3.44 -9.06
CA ASN A 13 -1.04 4.89 -8.77
C ASN A 13 -0.96 5.14 -7.28
N ASP A 14 -0.61 4.12 -6.55
CA ASP A 14 -0.61 4.15 -5.09
C ASP A 14 0.50 5.03 -4.56
N LYS A 15 0.18 5.75 -3.51
CA LYS A 15 1.15 6.55 -2.82
C LYS A 15 1.20 6.11 -1.37
N CYS A 16 2.04 5.13 -1.11
CA CYS A 16 2.21 4.61 0.20
C CYS A 16 3.70 4.57 0.49
N CYS A 17 4.07 4.57 1.75
CA CYS A 17 5.46 4.59 2.17
C CYS A 17 6.16 3.30 1.78
N ARG A 18 6.82 3.32 0.68
CA ARG A 18 7.49 2.16 0.15
C ARG A 18 8.96 2.17 0.50
N PRO A 19 9.61 0.98 0.54
CA PRO A 19 8.96 -0.33 0.24
C PRO A 19 8.35 -0.98 1.49
N ASN A 20 8.06 -0.14 2.46
CA ASN A 20 7.52 -0.56 3.76
C ASN A 20 6.07 -0.98 3.63
N LEU A 21 5.32 -0.20 2.91
CA LEU A 21 3.91 -0.44 2.70
C LEU A 21 3.69 -0.45 1.21
N VAL A 22 3.21 -1.53 0.69
CA VAL A 22 3.05 -1.66 -0.74
C VAL A 22 1.61 -1.96 -1.09
N CYS A 23 1.22 -1.58 -2.25
CA CYS A 23 -0.13 -1.78 -2.71
C CYS A 23 -0.29 -3.20 -3.19
N SER A 24 -0.89 -4.02 -2.37
CA SER A 24 -1.17 -5.36 -2.72
C SER A 24 -2.41 -5.44 -3.58
N ARG A 25 -2.21 -5.63 -4.87
CA ARG A 25 -3.24 -5.65 -5.89
C ARG A 25 -4.42 -6.57 -5.55
N LEU A 26 -4.13 -7.75 -5.01
CA LEU A 26 -5.18 -8.72 -4.68
C LEU A 26 -6.05 -8.22 -3.54
N HIS A 27 -5.43 -7.52 -2.62
CA HIS A 27 -6.11 -6.99 -1.46
C HIS A 27 -6.71 -5.64 -1.79
N ARG A 28 -6.02 -4.94 -2.67
CA ARG A 28 -6.30 -3.59 -3.12
C ARG A 28 -6.02 -2.60 -2.04
N TRP A 29 -5.15 -2.97 -1.14
CA TRP A 29 -4.76 -2.10 -0.08
C TRP A 29 -3.27 -2.12 0.14
N CYS A 30 -2.76 -1.03 0.66
CA CYS A 30 -1.35 -0.92 0.99
C CYS A 30 -1.08 -1.65 2.26
N LYS A 31 -0.56 -2.83 2.14
CA LYS A 31 -0.36 -3.68 3.26
C LYS A 31 0.99 -3.40 3.90
N TYR A 32 1.18 -3.90 5.08
CA TYR A 32 2.41 -3.79 5.78
C TYR A 32 3.27 -4.93 5.29
N VAL A 33 4.42 -4.63 4.74
CA VAL A 33 5.25 -5.67 4.19
C VAL A 33 5.95 -6.46 5.28
N PHE A 34 5.38 -7.58 5.59
CA PHE A 34 5.95 -8.52 6.47
C PHE A 34 6.31 -9.71 5.64
N ASP A 1 1.46 4.09 11.90
CA ASP A 1 2.28 4.03 10.70
C ASP A 1 1.97 5.21 9.83
N CYS A 2 2.73 5.38 8.79
CA CYS A 2 2.55 6.48 7.85
C CYS A 2 1.51 6.08 6.79
N LEU A 3 1.61 6.63 5.57
CA LEU A 3 0.69 6.26 4.50
C LEU A 3 0.82 4.78 4.20
N GLY A 4 -0.24 4.09 4.46
CA GLY A 4 -0.32 2.67 4.34
C GLY A 4 -1.56 2.19 5.03
N ALA A 5 -1.39 1.67 6.25
CA ALA A 5 -2.48 1.23 7.16
C ALA A 5 -3.68 0.55 6.49
N PHE A 6 -3.41 -0.30 5.49
CA PHE A 6 -4.45 -1.05 4.77
C PHE A 6 -5.40 -0.10 4.05
N ARG A 7 -4.95 1.09 3.73
CA ARG A 7 -5.79 2.03 3.03
C ARG A 7 -5.84 1.63 1.58
N LYS A 8 -7.02 1.71 1.02
CA LYS A 8 -7.24 1.37 -0.38
C LYS A 8 -6.34 2.18 -1.29
N CYS A 9 -5.84 1.56 -2.30
CA CYS A 9 -4.86 2.15 -3.16
C CYS A 9 -5.15 1.85 -4.60
N ILE A 10 -4.48 2.54 -5.47
CA ILE A 10 -4.53 2.29 -6.88
C ILE A 10 -3.31 1.44 -7.21
N PRO A 11 -3.50 0.16 -7.57
CA PRO A 11 -2.38 -0.76 -7.88
C PRO A 11 -1.36 -0.20 -8.89
N ASP A 12 -1.86 0.57 -9.84
CA ASP A 12 -1.01 1.15 -10.88
C ASP A 12 -0.38 2.48 -10.44
N ASN A 13 -0.87 3.04 -9.34
CA ASN A 13 -0.39 4.34 -8.87
C ASN A 13 -0.69 4.51 -7.39
N ASP A 14 0.04 3.78 -6.60
CA ASP A 14 -0.13 3.80 -5.17
C ASP A 14 0.79 4.77 -4.50
N LYS A 15 0.27 5.49 -3.55
CA LYS A 15 1.07 6.41 -2.78
C LYS A 15 1.04 6.06 -1.32
N CYS A 16 1.95 5.21 -0.95
CA CYS A 16 2.14 4.76 0.40
C CYS A 16 3.63 4.69 0.65
N CYS A 17 4.05 4.47 1.89
CA CYS A 17 5.49 4.46 2.22
C CYS A 17 6.23 3.27 1.63
N ARG A 18 6.65 3.42 0.42
CA ARG A 18 7.30 2.39 -0.33
C ARG A 18 8.77 2.32 0.13
N PRO A 19 9.39 1.13 0.16
CA PRO A 19 8.79 -0.13 -0.23
C PRO A 19 8.30 -0.95 0.97
N ASN A 20 8.13 -0.27 2.10
CA ASN A 20 7.67 -0.92 3.34
C ASN A 20 6.18 -1.19 3.25
N LEU A 21 5.47 -0.22 2.75
CA LEU A 21 4.05 -0.29 2.60
C LEU A 21 3.76 -0.11 1.14
N VAL A 22 3.16 -1.10 0.55
CA VAL A 22 2.91 -1.12 -0.87
C VAL A 22 1.51 -1.59 -1.13
N CYS A 23 0.91 -1.09 -2.17
CA CYS A 23 -0.40 -1.51 -2.58
C CYS A 23 -0.38 -2.96 -3.01
N SER A 24 -1.06 -3.80 -2.28
CA SER A 24 -1.22 -5.13 -2.71
C SER A 24 -2.32 -5.15 -3.73
N ARG A 25 -2.04 -5.63 -4.91
CA ARG A 25 -3.07 -5.67 -5.93
C ARG A 25 -4.03 -6.84 -5.67
N LEU A 26 -3.64 -7.71 -4.76
CA LEU A 26 -4.46 -8.80 -4.29
C LEU A 26 -5.53 -8.24 -3.36
N HIS A 27 -5.07 -7.64 -2.27
CA HIS A 27 -5.97 -7.13 -1.23
C HIS A 27 -6.59 -5.81 -1.64
N ARG A 28 -5.90 -5.11 -2.53
CA ARG A 28 -6.30 -3.80 -3.08
C ARG A 28 -6.15 -2.69 -2.04
N TRP A 29 -5.23 -2.90 -1.12
CA TRP A 29 -4.91 -1.93 -0.11
C TRP A 29 -3.41 -1.92 0.15
N CYS A 30 -2.92 -0.83 0.72
CA CYS A 30 -1.53 -0.72 1.09
C CYS A 30 -1.23 -1.56 2.30
N LYS A 31 -0.56 -2.65 2.08
CA LYS A 31 -0.28 -3.57 3.12
C LYS A 31 1.19 -3.49 3.49
N TYR A 32 1.55 -4.14 4.55
CA TYR A 32 2.88 -4.12 5.06
C TYR A 32 3.68 -5.25 4.42
N VAL A 33 4.97 -5.11 4.36
CA VAL A 33 5.83 -6.14 3.86
C VAL A 33 6.17 -7.10 4.98
N PHE A 34 6.94 -8.07 4.66
CA PHE A 34 7.35 -9.06 5.62
C PHE A 34 8.77 -8.74 6.04
N ASP A 1 1.60 11.90 8.05
CA ASP A 1 1.28 10.56 8.53
C ASP A 1 1.34 9.58 7.38
N CYS A 2 1.67 8.36 7.66
CA CYS A 2 1.82 7.34 6.63
C CYS A 2 0.47 6.99 6.02
N LEU A 3 0.47 6.58 4.77
CA LEU A 3 -0.77 6.23 4.06
C LEU A 3 -1.05 4.75 4.17
N GLY A 4 -0.30 4.14 5.01
CA GLY A 4 -0.33 2.73 5.16
C GLY A 4 -1.36 2.20 6.15
N ALA A 5 -1.01 1.06 6.73
CA ALA A 5 -1.85 0.32 7.66
C ALA A 5 -3.19 -0.12 7.03
N PHE A 6 -3.07 -0.93 5.97
CA PHE A 6 -4.20 -1.56 5.27
C PHE A 6 -5.23 -0.55 4.70
N ARG A 7 -4.78 0.64 4.37
CA ARG A 7 -5.68 1.60 3.74
C ARG A 7 -5.72 1.36 2.25
N LYS A 8 -6.85 1.68 1.62
CA LYS A 8 -7.01 1.44 0.20
C LYS A 8 -6.23 2.42 -0.63
N CYS A 9 -5.57 1.90 -1.60
CA CYS A 9 -4.69 2.64 -2.45
C CYS A 9 -4.89 2.25 -3.91
N ILE A 10 -4.19 2.93 -4.79
CA ILE A 10 -4.25 2.64 -6.19
C ILE A 10 -3.33 1.45 -6.50
N PRO A 11 -3.89 0.34 -7.00
CA PRO A 11 -3.14 -0.88 -7.26
C PRO A 11 -2.16 -0.78 -8.44
N ASP A 12 -2.48 0.07 -9.41
CA ASP A 12 -1.66 0.19 -10.62
C ASP A 12 -0.63 1.31 -10.50
N ASN A 13 -0.79 2.13 -9.48
CA ASN A 13 0.11 3.24 -9.16
C ASN A 13 0.10 3.39 -7.68
N ASP A 14 0.87 2.60 -7.03
CA ASP A 14 0.82 2.51 -5.59
C ASP A 14 1.50 3.66 -4.89
N LYS A 15 0.72 4.42 -4.15
CA LYS A 15 1.22 5.50 -3.38
C LYS A 15 1.06 5.15 -1.91
N CYS A 16 2.10 4.69 -1.33
CA CYS A 16 2.10 4.33 0.03
C CYS A 16 3.51 4.58 0.53
N CYS A 17 3.77 4.34 1.78
CA CYS A 17 5.09 4.60 2.34
C CYS A 17 6.03 3.47 1.96
N ARG A 18 6.69 3.62 0.86
CA ARG A 18 7.51 2.57 0.34
C ARG A 18 8.97 2.80 0.76
N PRO A 19 9.82 1.76 0.79
CA PRO A 19 9.48 0.40 0.35
C PRO A 19 8.85 -0.46 1.43
N ASN A 20 8.43 0.17 2.51
CA ASN A 20 7.83 -0.55 3.63
C ASN A 20 6.45 -1.06 3.30
N LEU A 21 5.69 -0.25 2.61
CA LEU A 21 4.38 -0.62 2.19
C LEU A 21 4.20 -0.45 0.72
N VAL A 22 3.60 -1.42 0.12
CA VAL A 22 3.25 -1.39 -1.27
C VAL A 22 1.77 -1.65 -1.35
N CYS A 23 1.16 -1.28 -2.43
CA CYS A 23 -0.25 -1.50 -2.53
C CYS A 23 -0.50 -2.84 -3.16
N SER A 24 -1.36 -3.59 -2.57
CA SER A 24 -1.76 -4.84 -3.12
C SER A 24 -2.54 -4.58 -4.39
N ARG A 25 -2.18 -5.22 -5.46
CA ARG A 25 -2.90 -5.03 -6.69
C ARG A 25 -4.17 -5.85 -6.63
N LEU A 26 -4.09 -6.94 -5.92
CA LEU A 26 -5.22 -7.84 -5.72
C LEU A 26 -6.19 -7.30 -4.66
N HIS A 27 -5.68 -6.95 -3.50
CA HIS A 27 -6.52 -6.55 -2.36
C HIS A 27 -6.78 -5.04 -2.34
N ARG A 28 -5.93 -4.30 -3.05
CA ARG A 28 -6.03 -2.83 -3.22
C ARG A 28 -5.78 -2.04 -1.93
N TRP A 29 -5.04 -2.62 -1.01
CA TRP A 29 -4.68 -1.91 0.20
C TRP A 29 -3.18 -1.94 0.42
N CYS A 30 -2.71 -1.04 1.26
CA CYS A 30 -1.32 -0.96 1.63
C CYS A 30 -0.94 -2.11 2.52
N LYS A 31 -0.11 -2.96 2.00
CA LYS A 31 0.34 -4.09 2.70
C LYS A 31 1.82 -3.92 3.00
N TYR A 32 2.25 -4.46 4.10
CA TYR A 32 3.62 -4.35 4.51
C TYR A 32 4.49 -5.32 3.75
N VAL A 33 5.63 -4.86 3.37
CA VAL A 33 6.59 -5.65 2.65
C VAL A 33 7.46 -6.43 3.63
N PHE A 34 7.15 -7.69 3.78
CA PHE A 34 7.90 -8.58 4.61
C PHE A 34 7.97 -9.93 3.93
N ASP A 1 3.84 7.69 10.87
CA ASP A 1 2.53 7.66 10.20
C ASP A 1 2.63 8.19 8.79
N CYS A 2 2.41 7.33 7.84
CA CYS A 2 2.44 7.70 6.44
C CYS A 2 1.34 6.88 5.75
N LEU A 3 1.38 6.76 4.45
CA LEU A 3 0.38 5.99 3.73
C LEU A 3 0.70 4.52 3.84
N GLY A 4 -0.20 3.81 4.42
CA GLY A 4 -0.08 2.41 4.66
C GLY A 4 -1.28 1.92 5.45
N ALA A 5 -1.02 1.18 6.53
CA ALA A 5 -2.03 0.72 7.52
C ALA A 5 -3.29 0.11 6.92
N PHE A 6 -3.14 -0.68 5.85
CA PHE A 6 -4.25 -1.38 5.19
C PHE A 6 -5.27 -0.43 4.57
N ARG A 7 -4.86 0.80 4.32
CA ARG A 7 -5.72 1.76 3.69
C ARG A 7 -5.76 1.49 2.21
N LYS A 8 -6.92 1.72 1.66
CA LYS A 8 -7.23 1.44 0.26
C LYS A 8 -6.30 2.21 -0.66
N CYS A 9 -6.01 1.66 -1.79
CA CYS A 9 -5.15 2.30 -2.76
C CYS A 9 -5.43 1.79 -4.14
N ILE A 10 -4.97 2.51 -5.13
CA ILE A 10 -5.09 2.10 -6.50
C ILE A 10 -3.73 1.56 -6.94
N PRO A 11 -3.63 0.25 -7.22
CA PRO A 11 -2.34 -0.45 -7.50
C PRO A 11 -1.56 0.07 -8.70
N ASP A 12 -2.24 0.55 -9.74
CA ASP A 12 -1.51 1.00 -10.94
C ASP A 12 -0.89 2.38 -10.72
N ASN A 13 -1.26 3.01 -9.64
CA ASN A 13 -0.65 4.25 -9.21
C ASN A 13 -0.50 4.17 -7.72
N ASP A 14 0.49 3.40 -7.33
CA ASP A 14 0.74 3.10 -5.93
C ASP A 14 1.03 4.34 -5.13
N LYS A 15 0.18 4.59 -4.19
CA LYS A 15 0.41 5.62 -3.24
C LYS A 15 0.53 4.96 -1.90
N CYS A 16 1.70 4.55 -1.58
CA CYS A 16 2.01 3.96 -0.36
C CYS A 16 3.42 4.42 -0.13
N CYS A 17 3.83 4.59 1.09
CA CYS A 17 5.11 5.24 1.32
C CYS A 17 6.36 4.40 1.08
N ARG A 18 6.23 3.05 1.03
CA ARG A 18 7.37 2.16 0.89
C ARG A 18 8.42 2.35 2.04
N PRO A 19 9.46 1.50 2.17
CA PRO A 19 9.66 0.25 1.37
C PRO A 19 8.82 -0.88 1.91
N ASN A 20 8.37 -0.69 3.13
CA ASN A 20 7.62 -1.71 3.85
C ASN A 20 6.16 -1.69 3.44
N LEU A 21 5.74 -0.58 2.90
CA LEU A 21 4.36 -0.37 2.55
C LEU A 21 4.21 -0.38 1.06
N VAL A 22 3.43 -1.29 0.58
CA VAL A 22 3.20 -1.43 -0.83
C VAL A 22 1.71 -1.67 -1.06
N CYS A 23 1.19 -1.13 -2.13
CA CYS A 23 -0.18 -1.33 -2.48
C CYS A 23 -0.32 -2.70 -3.10
N SER A 24 -0.85 -3.65 -2.34
CA SER A 24 -1.05 -4.98 -2.82
C SER A 24 -2.14 -4.93 -3.89
N ARG A 25 -1.81 -5.35 -5.10
CA ARG A 25 -2.71 -5.21 -6.23
C ARG A 25 -3.95 -6.08 -6.13
N LEU A 26 -3.85 -7.20 -5.46
CA LEU A 26 -5.00 -8.09 -5.32
C LEU A 26 -5.93 -7.61 -4.23
N HIS A 27 -5.35 -7.15 -3.15
CA HIS A 27 -6.11 -6.70 -2.00
C HIS A 27 -6.63 -5.27 -2.20
N ARG A 28 -5.85 -4.47 -2.92
CA ARG A 28 -6.15 -3.07 -3.23
C ARG A 28 -6.04 -2.20 -1.99
N TRP A 29 -5.15 -2.58 -1.12
CA TRP A 29 -4.83 -1.82 0.05
C TRP A 29 -3.34 -1.93 0.33
N CYS A 30 -2.85 -1.00 1.09
CA CYS A 30 -1.46 -1.01 1.49
C CYS A 30 -1.21 -2.07 2.51
N LYS A 31 -0.29 -2.92 2.24
CA LYS A 31 0.04 -3.94 3.17
C LYS A 31 1.51 -3.87 3.49
N TYR A 32 1.88 -4.47 4.57
CA TYR A 32 3.23 -4.50 5.03
C TYR A 32 3.93 -5.68 4.41
N VAL A 33 5.12 -5.46 3.95
CA VAL A 33 5.97 -6.54 3.47
C VAL A 33 7.18 -6.66 4.37
N PHE A 34 7.16 -5.91 5.44
CA PHE A 34 8.23 -5.88 6.39
C PHE A 34 7.63 -5.54 7.75
N ASP A 1 6.63 10.35 6.36
CA ASP A 1 5.99 9.35 7.22
C ASP A 1 5.52 8.20 6.37
N CYS A 2 4.93 7.20 6.97
CA CYS A 2 4.45 6.08 6.22
C CYS A 2 2.94 6.02 6.13
N LEU A 3 2.42 6.12 4.92
CA LEU A 3 1.03 5.86 4.67
C LEU A 3 0.84 4.37 4.54
N GLY A 4 -0.20 3.86 5.11
CA GLY A 4 -0.46 2.47 5.09
C GLY A 4 -1.81 2.17 5.65
N ALA A 5 -1.82 1.58 6.84
CA ALA A 5 -3.04 1.29 7.63
C ALA A 5 -4.13 0.58 6.82
N PHE A 6 -3.71 -0.25 5.86
CA PHE A 6 -4.61 -1.03 5.02
C PHE A 6 -5.58 -0.15 4.23
N ARG A 7 -5.15 1.08 3.93
CA ARG A 7 -6.02 1.99 3.16
C ARG A 7 -6.03 1.55 1.72
N LYS A 8 -7.22 1.48 1.14
CA LYS A 8 -7.38 1.04 -0.25
C LYS A 8 -6.75 2.05 -1.20
N CYS A 9 -6.23 1.57 -2.29
CA CYS A 9 -5.55 2.40 -3.25
C CYS A 9 -5.53 1.73 -4.61
N ILE A 10 -5.13 2.48 -5.63
CA ILE A 10 -4.95 1.92 -6.94
C ILE A 10 -3.56 1.31 -7.00
N PRO A 11 -3.45 -0.01 -7.20
CA PRO A 11 -2.16 -0.73 -7.21
C PRO A 11 -1.24 -0.25 -8.34
N ASP A 12 -1.86 0.33 -9.36
CA ASP A 12 -1.18 0.81 -10.56
C ASP A 12 -0.42 2.11 -10.28
N ASN A 13 -0.70 2.70 -9.14
CA ASN A 13 -0.05 3.91 -8.67
C ASN A 13 -0.16 3.99 -7.17
N ASP A 14 0.66 3.20 -6.52
CA ASP A 14 0.58 3.05 -5.08
C ASP A 14 0.93 4.32 -4.34
N LYS A 15 0.03 4.73 -3.49
CA LYS A 15 0.25 5.85 -2.62
C LYS A 15 0.29 5.33 -1.21
N CYS A 16 1.45 4.93 -0.80
CA CYS A 16 1.67 4.38 0.49
C CYS A 16 3.06 4.85 0.91
N CYS A 17 3.64 4.25 1.92
CA CYS A 17 4.99 4.62 2.32
C CYS A 17 6.00 4.18 1.24
N ARG A 18 5.94 2.88 0.89
CA ARG A 18 6.83 2.21 -0.09
C ARG A 18 8.34 2.34 0.29
N PRO A 19 9.08 1.21 0.34
CA PRO A 19 8.58 -0.13 0.05
C PRO A 19 8.03 -0.84 1.27
N ASN A 20 7.96 -0.11 2.39
CA ASN A 20 7.40 -0.64 3.65
C ASN A 20 5.96 -1.05 3.45
N LEU A 21 5.21 -0.12 2.91
CA LEU A 21 3.80 -0.30 2.58
C LEU A 21 3.66 -0.13 1.11
N VAL A 22 3.12 -1.10 0.42
CA VAL A 22 2.86 -0.95 -1.01
C VAL A 22 1.41 -1.30 -1.27
N CYS A 23 0.90 -0.84 -2.36
CA CYS A 23 -0.45 -1.11 -2.70
C CYS A 23 -0.50 -2.39 -3.50
N SER A 24 -0.96 -3.42 -2.86
CA SER A 24 -1.07 -4.72 -3.46
C SER A 24 -2.15 -4.73 -4.54
N ARG A 25 -1.95 -5.49 -5.60
CA ARG A 25 -2.99 -5.60 -6.61
C ARG A 25 -3.98 -6.68 -6.19
N LEU A 26 -3.55 -7.50 -5.26
CA LEU A 26 -4.37 -8.54 -4.70
C LEU A 26 -5.25 -7.96 -3.61
N HIS A 27 -4.63 -7.35 -2.63
CA HIS A 27 -5.36 -6.80 -1.50
C HIS A 27 -5.99 -5.45 -1.85
N ARG A 28 -5.32 -4.74 -2.77
CA ARG A 28 -5.76 -3.42 -3.26
C ARG A 28 -5.74 -2.37 -2.17
N TRP A 29 -4.82 -2.55 -1.25
CA TRP A 29 -4.60 -1.62 -0.19
C TRP A 29 -3.13 -1.58 0.14
N CYS A 30 -2.75 -0.64 0.96
CA CYS A 30 -1.38 -0.52 1.42
C CYS A 30 -1.10 -1.63 2.44
N LYS A 31 -0.37 -2.64 2.02
CA LYS A 31 -0.06 -3.76 2.87
C LYS A 31 1.37 -3.64 3.39
N TYR A 32 1.64 -4.25 4.54
CA TYR A 32 2.95 -4.23 5.14
C TYR A 32 3.80 -5.28 4.46
N VAL A 33 4.82 -4.85 3.80
CA VAL A 33 5.62 -5.73 3.01
C VAL A 33 6.79 -6.25 3.81
N PHE A 34 6.80 -7.53 3.99
CA PHE A 34 7.88 -8.22 4.62
C PHE A 34 8.40 -9.24 3.63
N ASP A 1 4.38 12.35 6.28
CA ASP A 1 3.34 11.38 6.62
C ASP A 1 3.63 10.09 5.95
N CYS A 2 3.75 9.05 6.72
CA CYS A 2 3.95 7.74 6.18
C CYS A 2 2.60 7.08 6.04
N LEU A 3 2.17 6.88 4.82
CA LEU A 3 0.86 6.36 4.57
C LEU A 3 0.91 4.87 4.31
N GLY A 4 -0.23 4.23 4.50
CA GLY A 4 -0.37 2.81 4.31
C GLY A 4 -1.69 2.39 4.89
N ALA A 5 -1.64 1.90 6.12
CA ALA A 5 -2.82 1.54 6.96
C ALA A 5 -3.94 0.79 6.24
N PHE A 6 -3.59 -0.04 5.27
CA PHE A 6 -4.55 -0.86 4.50
C PHE A 6 -5.57 0.00 3.74
N ARG A 7 -5.14 1.20 3.37
CA ARG A 7 -5.98 2.11 2.58
C ARG A 7 -6.25 1.55 1.21
N LYS A 8 -7.45 1.78 0.72
CA LYS A 8 -7.83 1.34 -0.60
C LYS A 8 -7.22 2.27 -1.62
N CYS A 9 -6.20 1.80 -2.24
CA CYS A 9 -5.40 2.56 -3.15
C CYS A 9 -5.48 2.03 -4.57
N ILE A 10 -4.87 2.75 -5.47
CA ILE A 10 -4.70 2.31 -6.83
C ILE A 10 -3.38 1.56 -6.85
N PRO A 11 -3.37 0.28 -7.21
CA PRO A 11 -2.15 -0.54 -7.20
C PRO A 11 -0.98 0.05 -8.02
N ASP A 12 -1.29 0.76 -9.09
CA ASP A 12 -0.24 1.37 -9.93
C ASP A 12 0.14 2.76 -9.48
N ASN A 13 -0.56 3.30 -8.50
CA ASN A 13 -0.25 4.60 -7.95
C ASN A 13 -0.77 4.69 -6.55
N ASP A 14 -0.11 4.05 -5.66
CA ASP A 14 -0.49 4.15 -4.28
C ASP A 14 0.29 5.25 -3.66
N LYS A 15 -0.20 5.76 -2.60
CA LYS A 15 0.52 6.73 -1.88
C LYS A 15 0.71 6.16 -0.52
N CYS A 16 1.77 5.39 -0.40
CA CYS A 16 2.12 4.68 0.79
C CYS A 16 3.63 4.56 0.83
N CYS A 17 4.19 4.22 1.96
CA CYS A 17 5.63 4.14 2.09
C CYS A 17 6.23 2.87 1.49
N ARG A 18 6.43 2.88 0.18
CA ARG A 18 7.07 1.76 -0.50
C ARG A 18 8.58 1.79 -0.19
N PRO A 19 9.25 0.64 -0.18
CA PRO A 19 8.67 -0.67 -0.46
C PRO A 19 8.23 -1.41 0.81
N ASN A 20 7.98 -0.68 1.87
CA ASN A 20 7.57 -1.30 3.13
C ASN A 20 6.06 -1.52 3.15
N LEU A 21 5.35 -0.52 2.69
CA LEU A 21 3.92 -0.54 2.59
C LEU A 21 3.59 -0.42 1.13
N VAL A 22 2.94 -1.40 0.59
CA VAL A 22 2.69 -1.44 -0.84
C VAL A 22 1.23 -1.81 -1.09
N CYS A 23 0.64 -1.20 -2.08
CA CYS A 23 -0.70 -1.51 -2.47
C CYS A 23 -0.69 -2.85 -3.19
N SER A 24 -1.12 -3.88 -2.49
CA SER A 24 -1.12 -5.23 -3.03
C SER A 24 -2.13 -5.36 -4.16
N ARG A 25 -1.76 -6.12 -5.17
CA ARG A 25 -2.64 -6.41 -6.30
C ARG A 25 -3.76 -7.31 -5.85
N LEU A 26 -3.40 -8.22 -4.96
CA LEU A 26 -4.31 -9.22 -4.45
C LEU A 26 -5.25 -8.60 -3.44
N HIS A 27 -4.67 -7.97 -2.43
CA HIS A 27 -5.45 -7.43 -1.32
C HIS A 27 -6.06 -6.07 -1.64
N ARG A 28 -5.57 -5.46 -2.73
CA ARG A 28 -6.03 -4.15 -3.24
C ARG A 28 -6.04 -3.05 -2.18
N TRP A 29 -5.04 -3.08 -1.33
CA TRP A 29 -4.82 -2.08 -0.31
C TRP A 29 -3.34 -2.05 0.05
N CYS A 30 -2.91 -0.99 0.69
CA CYS A 30 -1.52 -0.88 1.14
C CYS A 30 -1.27 -1.76 2.33
N LYS A 31 -0.63 -2.87 2.09
CA LYS A 31 -0.35 -3.83 3.11
C LYS A 31 1.14 -3.86 3.37
N TYR A 32 1.51 -4.53 4.42
CA TYR A 32 2.90 -4.70 4.77
C TYR A 32 3.42 -5.87 3.98
N VAL A 33 4.53 -5.70 3.34
CA VAL A 33 5.08 -6.76 2.56
C VAL A 33 6.23 -7.41 3.29
N PHE A 34 6.19 -8.68 3.29
CA PHE A 34 7.20 -9.50 3.91
C PHE A 34 7.83 -10.35 2.84
#